data_1NWG
#
_entry.id   1NWG
#
_cell.length_a   57.204
_cell.length_b   97.111
_cell.length_c   99.702
_cell.angle_alpha   90.00
_cell.angle_beta   101.14
_cell.angle_gamma   90.00
#
_symmetry.space_group_name_H-M   'P 1 21 1'
#
loop_
_entity.id
_entity.type
_entity.pdbx_description
1 polymer Alpha-lactalbumin
2 polymer beta-1,4-galactosyltransferase
3 non-polymer 'CALCIUM ION'
4 non-polymer 2-(butanoylamino)-2-deoxy-beta-D-glucopyranose
5 water water
#
loop_
_entity_poly.entity_id
_entity_poly.type
_entity_poly.pdbx_seq_one_letter_code
_entity_poly.pdbx_strand_id
1 'polypeptide(L)'
;TELTKCKVSHAIKDIDGYQGISLLEWACVLFHTSGYDTQAVVNDNGSTEYGLFQISDRFWCKSSEFPESENICGISCDKL
LDDELDDDIACAKKILAIKGIDYWKAYKPMCSEKLEQWRCEKP
;
A,C
2 'polypeptide(L)'
;ASMTGGQQMGRGSSLTACPEESPLLVGPMLIEFNIPVDLKLVEQQNPKVKLGGRYTPMDCISPHKVAIIIPFRNRQEHLK
YWLYYLHPILQRQQLDYGIYVINQAGESMFNRAKLLNVGFKEALKDYDYNCFVFSDVDLIPMNDHNTYRCFSQPRHISVA
MDKFGFSLPYVQYFGGVSALSKQQFLSINGFPNNYWGWGGEDDDIYNRLAFRGMSVSRPNAVIGKCRMIRHSRDKKNEPN
PQRFDRIAHTKETMLSDGLNSLTYMVLEVQRYPLYTKITVDIGTPS
;
B,D
#
loop_
_chem_comp.id
_chem_comp.type
_chem_comp.name
_chem_comp.formula
BGN D-saccharide, beta linking 2-(butanoylamino)-2-deoxy-beta-D-glucopyranose 'C10 H19 N O6'
CA non-polymer 'CALCIUM ION' 'Ca 2'
#
# COMPACT_ATOMS: atom_id res chain seq x y z
N THR A 1 -6.78 21.09 -18.96
CA THR A 1 -7.03 19.82 -18.23
C THR A 1 -5.74 19.00 -18.13
N GLU A 2 -5.51 18.36 -17.00
CA GLU A 2 -4.33 17.52 -16.87
C GLU A 2 -4.69 16.14 -17.37
N LEU A 3 -4.13 15.75 -18.51
CA LEU A 3 -4.41 14.45 -19.08
C LEU A 3 -3.46 13.42 -18.49
N THR A 4 -3.70 12.14 -18.78
CA THR A 4 -2.82 11.08 -18.28
C THR A 4 -1.94 10.68 -19.46
N LYS A 5 -0.91 9.90 -19.20
CA LYS A 5 -0.05 9.48 -20.29
C LYS A 5 -0.90 8.72 -21.34
N CYS A 6 -1.76 7.82 -20.88
CA CYS A 6 -2.53 7.05 -21.85
C CYS A 6 -3.52 7.84 -22.69
N LYS A 7 -4.12 8.86 -22.08
CA LYS A 7 -5.08 9.71 -22.75
C LYS A 7 -4.33 10.43 -23.87
N VAL A 8 -3.18 11.00 -23.54
CA VAL A 8 -2.35 11.70 -24.53
C VAL A 8 -1.93 10.75 -25.64
N SER A 9 -1.41 9.58 -25.23
CA SER A 9 -0.99 8.54 -26.15
C SER A 9 -2.05 8.17 -27.17
N HIS A 10 -3.27 7.91 -26.70
CA HIS A 10 -4.33 7.54 -27.62
C HIS A 10 -4.74 8.69 -28.55
N ALA A 11 -4.61 9.93 -28.07
CA ALA A 11 -5.01 11.08 -28.86
C ALA A 11 -4.09 11.39 -30.04
N ILE A 12 -2.81 11.07 -29.89
CA ILE A 12 -1.81 11.40 -30.90
C ILE A 12 -1.38 10.27 -31.83
N LYS A 13 -2.05 9.12 -31.76
CA LYS A 13 -1.66 7.98 -32.57
C LYS A 13 -1.23 8.30 -33.98
N ASP A 14 -1.79 9.37 -34.56
CA ASP A 14 -1.48 9.72 -35.92
C ASP A 14 -0.20 10.52 -36.15
N ILE A 15 0.55 10.72 -35.08
CA ILE A 15 1.80 11.43 -35.19
C ILE A 15 2.89 10.37 -35.02
N ASP A 16 2.46 9.16 -34.62
CA ASP A 16 3.36 8.04 -34.39
C ASP A 16 4.24 7.74 -35.60
N GLY A 17 5.54 7.75 -35.40
CA GLY A 17 6.41 7.45 -36.52
C GLY A 17 6.65 8.66 -37.41
N TYR A 18 5.78 9.67 -37.33
CA TYR A 18 5.99 10.85 -38.18
C TYR A 18 7.36 11.45 -37.90
N GLN A 19 8.04 11.86 -38.95
CA GLN A 19 9.36 12.46 -38.82
C GLN A 19 10.36 11.60 -38.02
N GLY A 20 10.00 10.33 -37.82
CA GLY A 20 10.86 9.42 -37.09
C GLY A 20 10.59 9.26 -35.61
N ILE A 21 9.73 10.12 -35.06
CA ILE A 21 9.41 10.10 -33.64
C ILE A 21 8.30 9.13 -33.23
N SER A 22 8.62 8.18 -32.35
CA SER A 22 7.58 7.23 -31.94
C SER A 22 6.65 7.77 -30.86
N LEU A 23 5.58 7.02 -30.62
CA LEU A 23 4.62 7.35 -29.60
C LEU A 23 5.28 7.45 -28.24
N LEU A 24 6.17 6.50 -27.93
CA LEU A 24 6.85 6.47 -26.64
C LEU A 24 7.67 7.73 -26.44
N GLU A 25 8.33 8.19 -27.50
CA GLU A 25 9.13 9.40 -27.36
C GLU A 25 8.23 10.62 -27.14
N TRP A 26 7.12 10.69 -27.86
CA TRP A 26 6.21 11.81 -27.71
C TRP A 26 5.58 11.88 -26.34
N ALA A 27 5.26 10.71 -25.78
CA ALA A 27 4.65 10.66 -24.45
C ALA A 27 5.63 11.24 -23.44
N CYS A 28 6.90 10.91 -23.65
CA CYS A 28 7.97 11.37 -22.78
C CYS A 28 8.09 12.90 -22.97
N VAL A 29 8.31 13.32 -24.22
CA VAL A 29 8.46 14.73 -24.52
C VAL A 29 7.34 15.55 -23.94
N LEU A 30 6.12 15.13 -24.18
CA LEU A 30 4.96 15.87 -23.69
C LEU A 30 4.94 15.99 -22.19
N PHE A 31 5.31 14.91 -21.49
CA PHE A 31 5.33 14.97 -20.03
C PHE A 31 6.26 16.08 -19.59
N HIS A 32 7.46 16.10 -20.17
CA HIS A 32 8.45 17.10 -19.82
C HIS A 32 8.23 18.47 -20.50
N THR A 33 7.31 18.55 -21.46
CA THR A 33 7.02 19.84 -22.12
C THR A 33 5.87 20.60 -21.48
N SER A 34 4.79 19.93 -21.09
CA SER A 34 3.67 20.63 -20.45
C SER A 34 3.04 19.89 -19.28
N GLY A 35 3.57 18.71 -18.96
CA GLY A 35 3.01 17.91 -17.87
C GLY A 35 1.61 17.43 -18.22
N TYR A 36 1.39 17.22 -19.51
CA TYR A 36 0.11 16.78 -20.02
C TYR A 36 -1.00 17.81 -19.79
N ASP A 37 -0.64 19.03 -19.41
CA ASP A 37 -1.65 20.07 -19.18
C ASP A 37 -2.09 20.77 -20.46
N THR A 38 -3.29 20.44 -20.96
CA THR A 38 -3.80 21.06 -22.18
C THR A 38 -3.87 22.58 -22.12
N GLN A 39 -3.82 23.14 -20.89
CA GLN A 39 -3.90 24.59 -20.71
C GLN A 39 -2.62 25.30 -20.33
N ALA A 40 -1.51 24.60 -20.42
CA ALA A 40 -0.24 25.23 -20.05
C ALA A 40 0.04 26.47 -20.93
N VAL A 41 0.48 27.54 -20.27
CA VAL A 41 0.84 28.78 -20.92
C VAL A 41 2.12 29.30 -20.25
N VAL A 42 3.21 29.32 -20.99
CA VAL A 42 4.49 29.80 -20.47
C VAL A 42 4.95 30.94 -21.36
N ASN A 43 5.14 32.11 -20.75
CA ASN A 43 5.55 33.30 -21.48
C ASN A 43 6.88 33.87 -21.04
N ASP A 44 7.84 33.91 -21.94
CA ASP A 44 9.15 34.44 -21.59
C ASP A 44 9.91 34.90 -22.82
N ASN A 45 10.72 35.94 -22.67
CA ASN A 45 11.51 36.40 -23.81
C ASN A 45 10.59 37.02 -24.88
N GLY A 46 9.50 37.65 -24.44
CA GLY A 46 8.58 38.27 -25.38
C GLY A 46 7.74 37.40 -26.30
N SER A 47 7.55 36.12 -25.96
CA SER A 47 6.72 35.22 -26.78
C SER A 47 6.03 34.22 -25.85
N THR A 48 4.95 33.61 -26.30
CA THR A 48 4.22 32.71 -25.42
C THR A 48 4.00 31.32 -25.99
N GLU A 49 4.27 30.30 -25.18
CA GLU A 49 4.09 28.90 -25.62
C GLU A 49 2.77 28.37 -25.04
N TYR A 50 1.99 27.70 -25.88
CA TYR A 50 0.65 27.25 -25.50
C TYR A 50 0.40 25.76 -25.54
N GLY A 51 -0.42 25.28 -24.61
CA GLY A 51 -0.88 23.89 -24.54
C GLY A 51 0.05 22.71 -24.36
N LEU A 52 -0.53 21.56 -24.64
CA LEU A 52 0.16 20.28 -24.52
C LEU A 52 1.53 20.30 -25.21
N PHE A 53 1.58 20.82 -26.43
CA PHE A 53 2.82 20.91 -27.21
C PHE A 53 3.61 22.20 -26.98
N GLN A 54 3.07 23.12 -26.20
CA GLN A 54 3.76 24.38 -25.96
C GLN A 54 4.19 25.02 -27.28
N ILE A 55 3.22 25.20 -28.16
CA ILE A 55 3.48 25.80 -29.45
C ILE A 55 3.57 27.31 -29.25
N SER A 56 4.67 27.91 -29.72
CA SER A 56 4.89 29.35 -29.57
C SER A 56 4.15 30.29 -30.52
N ASP A 57 3.84 31.50 -30.06
CA ASP A 57 3.14 32.43 -30.96
C ASP A 57 4.11 33.26 -31.76
N ARG A 58 5.39 33.03 -31.51
CA ARG A 58 6.43 33.73 -32.23
C ARG A 58 6.42 33.45 -33.74
N PHE A 59 6.00 32.25 -34.13
CA PHE A 59 5.96 31.92 -35.57
C PHE A 59 4.75 31.11 -35.98
N TRP A 60 4.27 30.30 -35.05
CA TRP A 60 3.22 29.33 -35.32
C TRP A 60 1.73 29.61 -35.26
N CYS A 61 1.29 30.38 -34.28
CA CYS A 61 -0.13 30.67 -34.14
C CYS A 61 -0.32 32.14 -33.86
N LYS A 62 -1.50 32.66 -34.15
CA LYS A 62 -1.77 34.07 -33.95
C LYS A 62 -2.34 34.42 -32.59
N SER A 63 -1.64 35.29 -31.86
CA SER A 63 -2.10 35.72 -30.54
C SER A 63 -2.43 37.21 -30.57
N SER A 64 -3.37 37.63 -29.72
CA SER A 64 -3.75 39.03 -29.68
C SER A 64 -2.59 39.87 -29.14
N GLU A 65 -1.74 39.25 -28.34
CA GLU A 65 -0.60 39.95 -27.77
C GLU A 65 0.46 40.28 -28.82
N PHE A 66 0.75 39.33 -29.71
CA PHE A 66 1.75 39.47 -30.79
C PHE A 66 1.01 39.20 -32.11
N PRO A 67 -0.04 39.99 -32.39
CA PRO A 67 -0.94 39.97 -33.56
C PRO A 67 -0.51 39.61 -34.97
N GLU A 68 0.78 39.63 -35.29
CA GLU A 68 1.10 39.25 -36.66
C GLU A 68 2.43 38.56 -36.93
N SER A 69 2.49 37.29 -36.58
CA SER A 69 3.65 36.44 -36.81
C SER A 69 3.29 35.81 -38.14
N GLU A 70 4.00 34.77 -38.54
CA GLU A 70 3.65 34.13 -39.81
C GLU A 70 2.45 33.25 -39.62
N ASN A 71 2.17 32.92 -38.36
CA ASN A 71 1.03 32.07 -38.01
C ASN A 71 1.11 30.87 -38.93
N ILE A 72 2.29 30.27 -39.02
CA ILE A 72 2.48 29.11 -39.89
C ILE A 72 1.40 28.05 -39.71
N CYS A 73 0.90 27.89 -38.49
CA CYS A 73 -0.12 26.88 -38.32
C CYS A 73 -1.52 27.23 -38.83
N GLY A 74 -1.80 28.52 -39.01
CA GLY A 74 -3.11 28.94 -39.52
C GLY A 74 -4.19 28.77 -38.48
N ILE A 75 -3.87 29.15 -37.26
CA ILE A 75 -4.80 28.91 -36.18
C ILE A 75 -4.59 29.96 -35.13
N SER A 76 -5.65 30.26 -34.38
CA SER A 76 -5.55 31.21 -33.28
C SER A 76 -4.88 30.49 -32.09
N CYS A 77 -3.91 31.13 -31.44
CA CYS A 77 -3.25 30.47 -30.32
C CYS A 77 -4.18 29.96 -29.22
N ASP A 78 -5.32 30.60 -29.05
CA ASP A 78 -6.23 30.18 -27.99
C ASP A 78 -6.82 28.82 -28.33
N LYS A 79 -6.66 28.39 -29.59
CA LYS A 79 -7.18 27.10 -30.02
C LYS A 79 -6.33 25.95 -29.47
N LEU A 80 -5.11 26.27 -29.04
CA LEU A 80 -4.24 25.25 -28.51
C LEU A 80 -4.40 25.14 -27.01
N LEU A 81 -5.53 25.59 -26.48
CA LEU A 81 -5.80 25.58 -25.05
C LEU A 81 -7.09 24.91 -24.65
N ASP A 82 -7.65 24.08 -25.52
CA ASP A 82 -8.87 23.37 -25.18
C ASP A 82 -8.54 21.89 -25.10
N ASP A 83 -9.56 21.04 -25.05
CA ASP A 83 -9.28 19.62 -24.96
C ASP A 83 -9.35 18.91 -26.30
N GLU A 84 -9.55 19.68 -27.38
CA GLU A 84 -9.62 19.13 -28.72
C GLU A 84 -8.22 19.26 -29.28
N LEU A 85 -7.55 18.12 -29.29
CA LEU A 85 -6.18 18.00 -29.71
C LEU A 85 -5.85 17.91 -31.20
N ASP A 86 -6.86 17.76 -32.06
CA ASP A 86 -6.56 17.63 -33.49
C ASP A 86 -5.78 18.80 -34.08
N ASP A 87 -6.20 20.04 -33.85
CA ASP A 87 -5.46 21.14 -34.42
C ASP A 87 -4.06 21.21 -33.84
N ASP A 88 -3.93 21.02 -32.53
CA ASP A 88 -2.62 21.03 -31.85
C ASP A 88 -1.67 20.04 -32.55
N ILE A 89 -2.19 18.85 -32.81
CA ILE A 89 -1.42 17.79 -33.46
C ILE A 89 -1.10 18.22 -34.89
N ALA A 90 -2.11 18.77 -35.58
CA ALA A 90 -1.91 19.27 -36.94
C ALA A 90 -0.79 20.33 -36.95
N CYS A 91 -0.77 21.20 -35.94
CA CYS A 91 0.25 22.23 -35.85
C CYS A 91 1.64 21.65 -35.56
N ALA A 92 1.71 20.80 -34.54
CA ALA A 92 2.96 20.14 -34.16
C ALA A 92 3.60 19.48 -35.40
N LYS A 93 2.81 18.82 -36.23
CA LYS A 93 3.36 18.18 -37.42
C LYS A 93 4.03 19.19 -38.33
N LYS A 94 3.43 20.37 -38.47
CA LYS A 94 4.04 21.39 -39.30
C LYS A 94 5.37 21.70 -38.66
N ILE A 95 5.37 21.85 -37.34
CA ILE A 95 6.63 22.14 -36.64
C ILE A 95 7.66 21.03 -36.88
N LEU A 96 7.25 19.77 -36.75
CA LEU A 96 8.18 18.69 -36.95
C LEU A 96 8.77 18.68 -38.35
N ALA A 97 7.89 18.93 -39.33
CA ALA A 97 8.27 18.95 -40.73
C ALA A 97 9.10 20.16 -41.10
N ILE A 98 8.91 21.26 -40.40
CA ILE A 98 9.65 22.46 -40.71
C ILE A 98 10.90 22.58 -39.90
N LYS A 99 10.76 22.59 -38.56
CA LYS A 99 11.90 22.73 -37.67
C LYS A 99 12.47 21.42 -37.14
N GLY A 100 11.62 20.43 -36.89
CA GLY A 100 12.07 19.15 -36.36
C GLY A 100 11.82 19.01 -34.85
N ILE A 101 12.17 17.84 -34.32
CA ILE A 101 11.97 17.54 -32.91
C ILE A 101 12.72 18.47 -31.97
N ASP A 102 13.86 18.99 -32.40
CA ASP A 102 14.61 19.86 -31.52
C ASP A 102 13.88 21.09 -31.08
N TYR A 103 12.69 21.31 -31.64
CA TYR A 103 11.89 22.42 -31.20
C TYR A 103 11.59 22.12 -29.73
N TRP A 104 11.41 20.84 -29.45
CA TRP A 104 11.10 20.39 -28.10
C TRP A 104 12.38 20.05 -27.36
N LYS A 105 12.85 20.99 -26.55
CA LYS A 105 14.09 20.83 -25.82
C LYS A 105 14.05 19.72 -24.76
N ALA A 106 12.87 19.28 -24.39
CA ALA A 106 12.78 18.25 -23.38
C ALA A 106 13.27 16.93 -23.96
N TYR A 107 13.18 16.83 -25.27
CA TYR A 107 13.52 15.61 -25.98
C TYR A 107 14.87 15.00 -25.82
N LYS A 108 15.91 15.79 -26.11
CA LYS A 108 17.25 15.27 -26.02
C LYS A 108 17.67 14.78 -24.62
N PRO A 109 17.53 15.62 -23.58
CA PRO A 109 17.93 15.24 -22.22
C PRO A 109 17.11 14.18 -21.43
N MET A 110 15.79 14.23 -21.54
CA MET A 110 14.91 13.28 -20.82
C MET A 110 14.37 12.09 -21.59
N CYS A 111 14.50 12.13 -22.93
CA CYS A 111 13.92 11.10 -23.75
C CYS A 111 14.86 10.37 -24.68
N SER A 112 16.12 10.27 -24.31
CA SER A 112 17.11 9.56 -25.12
C SER A 112 17.21 8.12 -24.66
N GLU A 113 16.70 7.83 -23.48
CA GLU A 113 16.74 6.47 -22.96
C GLU A 113 15.58 6.19 -22.01
N LYS A 114 15.41 4.92 -21.64
CA LYS A 114 14.36 4.52 -20.71
C LYS A 114 12.99 4.94 -21.26
N LEU A 115 12.74 4.48 -22.47
CA LEU A 115 11.53 4.78 -23.20
C LEU A 115 10.39 3.84 -22.89
N GLU A 116 10.73 2.58 -22.62
CA GLU A 116 9.73 1.55 -22.33
C GLU A 116 8.71 1.98 -21.28
N GLN A 117 9.17 2.77 -20.30
CA GLN A 117 8.31 3.28 -19.25
C GLN A 117 7.22 4.16 -19.85
N TRP A 118 7.49 4.79 -20.99
CA TRP A 118 6.52 5.67 -21.62
C TRP A 118 5.38 4.97 -22.35
N ARG A 119 5.47 3.66 -22.49
CA ARG A 119 4.44 2.94 -23.20
C ARG A 119 3.09 2.86 -22.46
N CYS A 120 2.00 2.87 -23.23
CA CYS A 120 0.67 2.76 -22.64
C CYS A 120 0.00 1.44 -23.09
N GLU A 121 -0.08 0.48 -22.16
CA GLU A 121 -0.68 -0.84 -22.45
C GLU A 121 -2.19 -0.80 -22.57
N LYS A 122 -2.79 0.26 -22.04
CA LYS A 122 -4.25 0.44 -22.08
C LYS A 122 -4.71 0.52 -23.55
N PRO A 123 -5.68 -0.32 -23.93
CA PRO A 123 -6.17 -0.29 -25.32
C PRO A 123 -6.96 0.97 -25.66
N LEU B 15 17.47 3.23 25.99
CA LEU B 15 18.83 2.83 26.44
C LEU B 15 19.43 1.83 25.44
N THR B 16 18.55 1.17 24.71
CA THR B 16 18.95 0.19 23.70
C THR B 16 18.55 0.76 22.35
N ALA B 17 19.30 0.41 21.32
CA ALA B 17 19.02 0.91 19.98
C ALA B 17 17.57 0.69 19.55
N CYS B 18 16.99 1.69 18.87
CA CYS B 18 15.62 1.56 18.39
C CYS B 18 15.54 0.43 17.39
N PRO B 19 14.44 -0.32 17.40
CA PRO B 19 14.30 -1.43 16.46
C PRO B 19 14.21 -1.01 15.00
N GLU B 20 14.50 -1.96 14.11
CA GLU B 20 14.47 -1.74 12.67
C GLU B 20 13.17 -1.06 12.25
N GLU B 21 12.05 -1.64 12.66
CA GLU B 21 10.75 -1.06 12.34
C GLU B 21 10.10 -0.59 13.62
N SER B 22 9.55 0.63 13.58
CA SER B 22 8.90 1.20 14.73
C SER B 22 7.62 0.47 15.03
N PRO B 23 7.35 0.21 16.32
CA PRO B 23 6.11 -0.48 16.70
C PRO B 23 4.96 0.53 16.82
N LEU B 24 5.24 1.79 16.54
CA LEU B 24 4.24 2.85 16.64
C LEU B 24 3.46 3.13 15.35
N LEU B 25 4.00 2.65 14.23
CA LEU B 25 3.40 2.85 12.90
C LEU B 25 1.96 2.42 12.78
N VAL B 26 1.17 3.20 12.03
CA VAL B 26 -0.25 2.89 11.82
C VAL B 26 -0.56 2.43 10.39
N GLY B 27 0.25 2.87 9.43
CA GLY B 27 0.01 2.50 8.04
C GLY B 27 -0.56 3.70 7.30
N PRO B 28 -1.65 3.54 6.54
CA PRO B 28 -2.25 4.65 5.81
C PRO B 28 -3.03 5.65 6.67
N MET B 29 -2.87 6.94 6.38
CA MET B 29 -3.53 8.00 7.14
C MET B 29 -4.40 8.87 6.25
N LEU B 30 -5.48 9.42 6.79
CA LEU B 30 -6.31 10.31 5.99
C LEU B 30 -5.59 11.64 6.00
N ILE B 31 -5.40 12.26 4.84
CA ILE B 31 -4.73 13.55 4.73
C ILE B 31 -5.61 14.55 4.00
N GLU B 32 -5.94 15.64 4.69
CA GLU B 32 -6.82 16.69 4.14
C GLU B 32 -6.40 18.11 4.50
N PHE B 33 -6.69 19.06 3.62
CA PHE B 33 -6.34 20.46 3.81
C PHE B 33 -7.59 21.31 3.83
N ASN B 34 -8.66 20.73 4.36
CA ASN B 34 -9.96 21.39 4.45
C ASN B 34 -10.10 22.12 5.78
N ILE B 35 -9.55 21.53 6.84
CA ILE B 35 -9.60 22.10 8.19
C ILE B 35 -8.45 23.08 8.43
N PRO B 36 -8.69 24.15 9.20
CA PRO B 36 -7.62 25.12 9.48
C PRO B 36 -6.73 24.64 10.62
N VAL B 37 -5.45 24.99 10.54
CA VAL B 37 -4.47 24.58 11.57
C VAL B 37 -4.13 25.72 12.52
N ASP B 38 -3.83 25.33 13.74
CA ASP B 38 -3.47 26.26 14.81
C ASP B 38 -2.19 25.72 15.43
N LEU B 39 -1.05 26.29 15.03
CA LEU B 39 0.22 25.82 15.55
C LEU B 39 0.23 25.67 17.05
N LYS B 40 -0.50 26.52 17.74
CA LYS B 40 -0.55 26.41 19.20
C LYS B 40 -1.13 25.07 19.57
N LEU B 41 -2.13 24.62 18.79
CA LEU B 41 -2.73 23.33 19.03
C LEU B 41 -1.65 22.30 18.71
N VAL B 42 -1.10 22.40 17.50
CA VAL B 42 -0.02 21.53 17.05
C VAL B 42 1.06 21.42 18.13
N GLU B 43 1.44 22.57 18.70
CA GLU B 43 2.46 22.60 19.72
C GLU B 43 2.01 21.80 20.94
N GLN B 44 0.73 21.96 21.26
CA GLN B 44 0.10 21.30 22.39
C GLN B 44 0.11 19.79 22.17
N GLN B 45 -0.40 19.37 21.03
CA GLN B 45 -0.48 17.94 20.66
C GLN B 45 0.89 17.25 20.62
N ASN B 46 1.94 18.03 20.37
CA ASN B 46 3.29 17.47 20.29
C ASN B 46 4.20 18.04 21.37
N PRO B 47 3.85 17.79 22.63
CA PRO B 47 4.63 18.28 23.78
C PRO B 47 6.08 17.83 23.82
N LYS B 48 6.45 16.81 23.05
CA LYS B 48 7.83 16.33 23.10
C LYS B 48 8.78 17.10 22.19
N VAL B 49 8.23 17.91 21.29
CA VAL B 49 9.06 18.70 20.41
C VAL B 49 9.65 19.89 21.18
N LYS B 50 10.97 20.04 21.12
CA LYS B 50 11.67 21.11 21.80
C LYS B 50 11.92 22.29 20.86
N LEU B 51 12.14 23.45 21.47
CA LEU B 51 12.42 24.68 20.73
C LEU B 51 13.31 24.38 19.54
N GLY B 52 12.93 24.90 18.37
CA GLY B 52 13.71 24.69 17.18
C GLY B 52 13.18 23.57 16.30
N GLY B 53 12.20 22.84 16.81
CA GLY B 53 11.63 21.73 16.04
C GLY B 53 12.59 20.55 16.14
N ARG B 54 12.94 20.19 17.37
CA ARG B 54 13.83 19.07 17.65
C ARG B 54 13.12 18.03 18.50
N TYR B 55 13.52 16.79 18.32
CA TYR B 55 12.96 15.68 19.07
C TYR B 55 13.96 14.54 19.04
N THR B 56 14.08 13.86 20.15
CA THR B 56 14.98 12.72 20.25
C THR B 56 14.26 11.66 21.04
N PRO B 57 13.98 10.52 20.41
CA PRO B 57 13.29 9.44 21.11
C PRO B 57 13.99 9.17 22.44
N MET B 58 13.23 9.14 23.53
CA MET B 58 13.82 8.89 24.83
C MET B 58 13.70 7.42 25.24
N ASP B 59 12.91 6.68 24.48
CA ASP B 59 12.67 5.26 24.70
C ASP B 59 13.84 4.38 24.25
N CYS B 60 14.36 4.68 23.07
CA CYS B 60 15.45 3.91 22.50
C CYS B 60 16.38 4.89 21.81
N ILE B 61 17.50 4.40 21.31
CA ILE B 61 18.44 5.26 20.61
C ILE B 61 18.36 5.07 19.10
N SER B 62 17.99 6.13 18.40
CA SER B 62 17.90 6.05 16.95
C SER B 62 19.23 6.31 16.29
N PRO B 63 19.64 5.46 15.35
CA PRO B 63 20.92 5.70 14.71
C PRO B 63 20.69 6.74 13.62
N HIS B 64 19.41 7.13 13.46
CA HIS B 64 19.04 8.11 12.44
C HIS B 64 18.99 9.52 12.98
N LYS B 65 20.06 10.27 12.78
CA LYS B 65 20.14 11.68 13.22
C LYS B 65 19.80 12.46 11.96
N VAL B 66 18.52 12.82 11.82
CA VAL B 66 18.01 13.45 10.60
C VAL B 66 17.66 14.90 10.57
N ALA B 67 18.27 15.66 9.67
CA ALA B 67 17.93 17.07 9.56
C ALA B 67 16.98 17.20 8.38
N ILE B 68 15.77 17.71 8.60
CA ILE B 68 14.81 17.89 7.54
C ILE B 68 14.83 19.33 7.02
N ILE B 69 15.06 19.48 5.72
CA ILE B 69 15.18 20.79 5.16
C ILE B 69 14.09 21.17 4.19
N ILE B 70 13.45 22.30 4.47
CA ILE B 70 12.35 22.78 3.64
C ILE B 70 12.63 24.10 2.97
N PRO B 71 12.80 24.09 1.64
CA PRO B 71 13.06 25.33 0.89
C PRO B 71 11.79 26.14 1.02
N PHE B 72 11.88 27.46 1.16
CA PHE B 72 10.64 28.22 1.41
C PHE B 72 10.54 29.71 1.02
N ARG B 73 9.33 30.17 0.76
CA ARG B 73 9.12 31.58 0.42
C ARG B 73 7.65 31.96 0.32
N ASN B 74 7.14 32.65 1.33
CA ASN B 74 5.75 33.13 1.33
C ASN B 74 4.68 32.03 1.16
N ARG B 75 4.82 30.95 1.94
CA ARG B 75 3.87 29.84 1.91
C ARG B 75 3.68 29.38 3.34
N GLN B 76 3.42 30.31 4.24
CA GLN B 76 3.26 29.96 5.66
C GLN B 76 2.09 29.00 5.89
N GLU B 77 1.05 29.09 5.07
CA GLU B 77 -0.09 28.18 5.27
C GLU B 77 0.30 26.72 5.04
N HIS B 78 1.05 26.44 3.98
CA HIS B 78 1.50 25.09 3.70
C HIS B 78 2.26 24.58 4.91
N LEU B 79 3.25 25.38 5.34
CA LEU B 79 4.07 25.02 6.49
C LEU B 79 3.24 24.56 7.68
N LYS B 80 2.08 25.18 7.87
CA LYS B 80 1.23 24.82 8.98
C LYS B 80 0.82 23.34 8.92
N TYR B 81 0.24 22.96 7.78
CA TYR B 81 -0.19 21.58 7.54
C TYR B 81 1.01 20.66 7.62
N TRP B 82 2.10 21.06 6.95
CA TRP B 82 3.31 20.28 6.97
C TRP B 82 3.63 19.90 8.41
N LEU B 83 3.74 20.91 9.27
CA LEU B 83 4.07 20.63 10.65
C LEU B 83 3.00 19.83 11.38
N TYR B 84 1.75 20.10 11.06
CA TYR B 84 0.62 19.42 11.68
C TYR B 84 0.68 17.89 11.44
N TYR B 85 0.96 17.49 10.21
CA TYR B 85 1.03 16.05 9.91
C TYR B 85 2.41 15.46 10.14
N LEU B 86 3.43 16.15 9.63
CA LEU B 86 4.75 15.60 9.75
C LEU B 86 5.25 15.31 11.14
N HIS B 87 5.12 16.25 12.08
CA HIS B 87 5.63 16.01 13.43
C HIS B 87 5.18 14.72 14.12
N PRO B 88 3.88 14.39 14.06
CA PRO B 88 3.46 13.14 14.72
C PRO B 88 4.04 11.91 14.03
N ILE B 89 4.20 12.03 12.72
CA ILE B 89 4.72 10.91 11.94
C ILE B 89 6.20 10.67 12.24
N LEU B 90 6.99 11.71 12.15
CA LEU B 90 8.43 11.61 12.38
C LEU B 90 8.77 11.08 13.78
N GLN B 91 7.92 11.38 14.75
CA GLN B 91 8.14 10.96 16.14
C GLN B 91 7.79 9.50 16.27
N ARG B 92 6.84 9.07 15.47
CA ARG B 92 6.37 7.70 15.46
C ARG B 92 7.40 6.84 14.73
N GLN B 93 8.11 7.43 13.76
CA GLN B 93 9.11 6.67 13.03
C GLN B 93 10.38 6.59 13.85
N GLN B 94 10.32 7.16 15.06
CA GLN B 94 11.44 7.12 16.00
C GLN B 94 12.74 7.69 15.52
N LEU B 95 12.66 8.86 14.92
CA LEU B 95 13.82 9.56 14.41
C LEU B 95 14.30 10.64 15.38
N ASP B 96 15.59 10.91 15.35
CA ASP B 96 16.21 11.96 16.17
C ASP B 96 16.37 13.06 15.12
N TYR B 97 15.34 13.90 14.98
CA TYR B 97 15.35 14.91 13.96
C TYR B 97 15.32 16.39 14.34
N GLY B 98 15.31 17.22 13.30
CA GLY B 98 15.27 18.67 13.45
C GLY B 98 14.66 19.29 12.21
N ILE B 99 13.76 20.24 12.39
CA ILE B 99 13.12 20.86 11.24
C ILE B 99 13.72 22.22 10.85
N TYR B 100 14.06 22.36 9.58
CA TYR B 100 14.65 23.60 9.10
C TYR B 100 13.98 24.16 7.84
N VAL B 101 13.40 25.34 7.97
CA VAL B 101 12.75 26.06 6.88
C VAL B 101 13.74 27.09 6.34
N ILE B 102 14.19 26.96 5.09
CA ILE B 102 15.17 27.90 4.56
C ILE B 102 14.48 28.98 3.74
N ASN B 103 14.09 30.05 4.42
CA ASN B 103 13.38 31.15 3.78
C ASN B 103 14.27 31.98 2.86
N GLN B 104 13.83 32.12 1.61
CA GLN B 104 14.58 32.89 0.63
C GLN B 104 14.15 34.35 0.67
N ALA B 105 15.08 35.22 1.05
CA ALA B 105 14.76 36.64 1.07
C ALA B 105 14.80 37.18 -0.37
N GLY B 106 14.19 38.32 -0.60
CA GLY B 106 14.29 38.89 -1.92
C GLY B 106 13.19 38.64 -2.92
N GLU B 107 13.46 39.12 -4.14
CA GLU B 107 12.53 39.05 -5.24
C GLU B 107 13.08 38.30 -6.46
N SER B 108 14.19 37.58 -6.29
CA SER B 108 14.74 36.81 -7.40
C SER B 108 14.01 35.48 -7.47
N MET B 109 13.97 34.88 -8.66
CA MET B 109 13.29 33.60 -8.84
C MET B 109 13.63 32.62 -7.72
N PHE B 110 12.74 31.67 -7.47
CA PHE B 110 12.96 30.69 -6.43
C PHE B 110 14.17 29.82 -6.79
N ASN B 111 14.96 29.47 -5.80
CA ASN B 111 16.09 28.62 -6.05
C ASN B 111 16.13 27.48 -5.02
N ARG B 112 15.34 26.45 -5.27
CA ARG B 112 15.19 25.29 -4.38
C ARG B 112 16.49 24.58 -3.99
N ALA B 113 17.21 24.10 -5.00
CA ALA B 113 18.45 23.40 -4.73
C ALA B 113 19.38 24.21 -3.83
N LYS B 114 19.57 25.47 -4.16
CA LYS B 114 20.48 26.29 -3.37
C LYS B 114 20.08 26.38 -1.92
N LEU B 115 18.78 26.59 -1.69
CA LEU B 115 18.28 26.69 -0.33
C LEU B 115 18.51 25.34 0.34
N LEU B 116 18.38 24.23 -0.42
CA LEU B 116 18.62 22.92 0.19
C LEU B 116 20.08 22.85 0.60
N ASN B 117 20.95 23.48 -0.17
CA ASN B 117 22.37 23.50 0.18
C ASN B 117 22.53 24.30 1.49
N VAL B 118 21.90 25.48 1.56
CA VAL B 118 21.98 26.25 2.79
C VAL B 118 21.53 25.37 3.96
N GLY B 119 20.33 24.80 3.87
CA GLY B 119 19.84 23.93 4.93
C GLY B 119 20.93 22.96 5.42
N PHE B 120 21.56 22.24 4.51
CA PHE B 120 22.61 21.30 4.89
C PHE B 120 23.67 21.99 5.79
N LYS B 121 24.27 23.06 5.27
CA LYS B 121 25.29 23.77 6.06
C LYS B 121 24.80 24.25 7.43
N GLU B 122 23.68 24.98 7.44
CA GLU B 122 23.13 25.50 8.68
C GLU B 122 22.72 24.44 9.70
N ALA B 123 22.09 23.38 9.23
CA ALA B 123 21.67 22.33 10.13
C ALA B 123 22.90 21.77 10.83
N LEU B 124 23.97 21.53 10.07
CA LEU B 124 25.19 20.98 10.65
C LEU B 124 25.72 21.81 11.82
N LYS B 125 25.57 23.12 11.76
CA LYS B 125 26.04 23.97 12.84
C LYS B 125 25.35 23.66 14.16
N ASP B 126 24.19 23.00 14.08
CA ASP B 126 23.38 22.65 15.25
C ASP B 126 23.57 21.27 15.84
N TYR B 127 23.91 20.28 15.02
CA TYR B 127 24.00 18.93 15.57
C TYR B 127 24.85 18.04 14.67
N ASP B 128 25.18 16.86 15.17
CA ASP B 128 25.99 15.92 14.39
C ASP B 128 25.12 15.08 13.46
N TYR B 129 24.29 15.72 12.66
CA TYR B 129 23.41 15.03 11.71
C TYR B 129 24.14 14.18 10.69
N ASN B 130 23.61 12.99 10.43
CA ASN B 130 24.22 12.06 9.49
C ASN B 130 23.29 11.73 8.31
N CYS B 131 22.12 12.35 8.28
CA CYS B 131 21.13 12.11 7.23
C CYS B 131 20.28 13.34 6.93
N PHE B 132 20.09 13.64 5.65
CA PHE B 132 19.30 14.82 5.29
C PHE B 132 18.15 14.52 4.36
N VAL B 133 16.96 14.92 4.78
CA VAL B 133 15.75 14.75 4.00
C VAL B 133 15.44 16.16 3.45
N PHE B 134 15.25 16.25 2.14
CA PHE B 134 14.94 17.51 1.47
C PHE B 134 13.49 17.46 1.04
N SER B 135 12.66 18.29 1.66
CA SER B 135 11.23 18.28 1.39
C SER B 135 10.56 19.57 1.00
N ASP B 136 9.80 19.54 -0.08
CA ASP B 136 9.06 20.72 -0.47
C ASP B 136 8.06 20.91 0.69
N VAL B 137 7.60 22.13 0.91
CA VAL B 137 6.69 22.41 2.01
C VAL B 137 5.27 21.90 1.74
N ASP B 138 4.96 21.61 0.47
CA ASP B 138 3.60 21.15 0.16
C ASP B 138 3.39 19.65 -0.08
N LEU B 139 4.30 18.79 0.33
CA LEU B 139 4.11 17.35 0.11
C LEU B 139 3.95 16.66 1.43
N ILE B 140 2.86 15.92 1.58
CA ILE B 140 2.60 15.23 2.83
C ILE B 140 2.50 13.70 2.60
N PRO B 141 3.26 12.90 3.35
CA PRO B 141 3.24 11.43 3.22
C PRO B 141 1.95 10.82 3.76
N MET B 142 1.35 9.88 3.02
CA MET B 142 0.11 9.26 3.47
C MET B 142 0.25 7.91 4.16
N ASN B 143 1.48 7.46 4.43
CA ASN B 143 1.66 6.16 5.06
C ASN B 143 2.94 6.24 5.87
N ASP B 144 2.83 6.26 7.18
CA ASP B 144 4.01 6.40 7.99
C ASP B 144 5.05 5.28 7.82
N HIS B 145 4.80 4.36 6.88
CA HIS B 145 5.77 3.29 6.65
C HIS B 145 6.89 3.80 5.74
N ASN B 146 6.64 4.94 5.10
CA ASN B 146 7.59 5.59 4.21
C ASN B 146 8.53 6.41 5.10
N THR B 147 9.36 5.72 5.86
CA THR B 147 10.28 6.36 6.80
C THR B 147 11.11 7.51 6.19
N TYR B 148 11.11 8.65 6.88
CA TYR B 148 11.86 9.82 6.43
C TYR B 148 13.28 9.77 6.92
N ARG B 149 14.06 8.86 6.35
CA ARG B 149 15.44 8.73 6.75
C ARG B 149 16.31 8.24 5.62
N CYS B 150 17.55 7.88 5.95
CA CYS B 150 18.50 7.46 4.96
C CYS B 150 18.72 5.94 4.87
N PHE B 151 19.15 5.51 3.69
CA PHE B 151 19.39 4.11 3.40
C PHE B 151 20.76 3.96 2.74
N SER B 152 21.10 2.73 2.35
CA SER B 152 22.39 2.47 1.73
C SER B 152 22.60 3.20 0.42
N GLN B 153 21.51 3.66 -0.21
CA GLN B 153 21.57 4.43 -1.46
C GLN B 153 20.66 5.65 -1.31
N PRO B 154 20.86 6.71 -2.14
CA PRO B 154 20.02 7.91 -2.08
C PRO B 154 18.57 7.47 -2.05
N ARG B 155 17.72 8.12 -1.26
CA ARG B 155 16.32 7.70 -1.16
C ARG B 155 15.31 8.70 -1.73
N HIS B 156 14.48 8.25 -2.68
CA HIS B 156 13.44 9.11 -3.27
C HIS B 156 12.18 8.81 -2.47
N ILE B 157 11.52 9.84 -1.96
CA ILE B 157 10.36 9.56 -1.11
C ILE B 157 8.98 9.91 -1.66
N SER B 158 8.86 11.02 -2.36
CA SER B 158 7.55 11.39 -2.92
C SER B 158 7.29 10.60 -4.21
N VAL B 159 7.35 9.27 -4.08
CA VAL B 159 7.20 8.35 -5.23
C VAL B 159 5.80 8.20 -5.82
N ALA B 160 4.76 8.33 -5.02
CA ALA B 160 3.41 8.20 -5.58
C ALA B 160 2.51 9.39 -5.21
N MET B 161 2.88 10.54 -5.75
CA MET B 161 2.16 11.77 -5.51
C MET B 161 0.80 11.75 -6.22
N ASP B 162 -0.24 12.21 -5.52
CA ASP B 162 -1.58 12.28 -6.14
C ASP B 162 -1.59 13.19 -7.37
N LYS B 163 -0.69 14.17 -7.39
CA LYS B 163 -0.63 15.05 -8.54
C LYS B 163 -0.31 14.21 -9.77
N PHE B 164 0.29 13.04 -9.55
CA PHE B 164 0.66 12.16 -10.67
C PHE B 164 -0.12 10.84 -10.67
N GLY B 165 -1.32 10.89 -10.11
CA GLY B 165 -2.15 9.70 -10.05
C GLY B 165 -1.59 8.63 -9.13
N PHE B 166 -0.97 9.02 -8.03
CA PHE B 166 -0.39 8.05 -7.11
C PHE B 166 0.52 7.11 -7.87
N SER B 167 1.34 7.72 -8.73
CA SER B 167 2.28 7.00 -9.60
C SER B 167 3.59 7.76 -9.68
N LEU B 168 4.66 7.05 -10.07
CA LEU B 168 5.96 7.67 -10.27
C LEU B 168 5.84 8.22 -11.70
N PRO B 169 5.85 9.54 -11.86
CA PRO B 169 5.72 10.05 -13.23
C PRO B 169 6.80 9.64 -14.22
N TYR B 170 8.04 9.54 -13.77
CA TYR B 170 9.10 9.10 -14.69
C TYR B 170 10.21 8.48 -13.85
N VAL B 171 10.88 7.46 -14.38
CA VAL B 171 11.88 6.79 -13.58
C VAL B 171 13.06 7.65 -13.12
N GLN B 172 13.39 8.70 -13.87
CA GLN B 172 14.50 9.58 -13.45
C GLN B 172 14.04 10.69 -12.48
N TYR B 173 12.79 10.63 -12.00
CA TYR B 173 12.24 11.66 -11.10
C TYR B 173 12.73 11.61 -9.64
N PHE B 174 13.32 12.73 -9.19
CA PHE B 174 13.90 12.84 -7.86
C PHE B 174 13.46 14.09 -7.09
N GLY B 175 12.47 14.79 -7.61
CA GLY B 175 12.03 16.02 -6.94
C GLY B 175 10.97 15.70 -5.91
N GLY B 176 10.47 16.71 -5.21
CA GLY B 176 9.47 16.46 -4.19
C GLY B 176 10.07 16.33 -2.82
N VAL B 177 10.36 15.10 -2.40
CA VAL B 177 10.92 14.81 -1.09
C VAL B 177 11.94 13.69 -1.19
N SER B 178 13.16 13.90 -0.70
CA SER B 178 14.19 12.88 -0.76
C SER B 178 15.15 12.90 0.44
N ALA B 179 15.94 11.83 0.58
CA ALA B 179 16.90 11.69 1.68
C ALA B 179 18.28 11.17 1.24
N LEU B 180 19.32 11.93 1.56
CA LEU B 180 20.68 11.56 1.22
C LEU B 180 21.46 11.57 2.53
N SER B 181 22.37 10.61 2.68
CA SER B 181 23.17 10.54 3.88
C SER B 181 24.22 11.58 3.62
N LYS B 182 24.92 12.00 4.67
CA LYS B 182 25.97 13.01 4.57
C LYS B 182 27.00 12.55 3.54
N GLN B 183 27.41 11.28 3.64
CA GLN B 183 28.39 10.71 2.69
C GLN B 183 27.89 10.92 1.28
N GLN B 184 26.65 10.48 1.05
CA GLN B 184 26.02 10.55 -0.27
C GLN B 184 25.94 11.96 -0.78
N PHE B 185 25.50 12.89 0.07
CA PHE B 185 25.38 14.29 -0.32
C PHE B 185 26.74 14.89 -0.61
N LEU B 186 27.71 14.52 0.23
CA LEU B 186 29.08 15.03 0.09
C LEU B 186 29.76 14.48 -1.16
N SER B 187 29.41 13.26 -1.52
CA SER B 187 29.96 12.59 -2.67
C SER B 187 29.68 13.27 -4.02
N ILE B 188 28.57 14.01 -4.12
CA ILE B 188 28.21 14.69 -5.38
C ILE B 188 28.40 16.21 -5.34
N ASN B 189 29.17 16.67 -4.35
CA ASN B 189 29.41 18.09 -4.17
C ASN B 189 28.05 18.75 -3.96
N GLY B 190 27.21 18.09 -3.16
CA GLY B 190 25.88 18.58 -2.87
C GLY B 190 25.05 18.86 -4.10
N PHE B 191 24.15 19.82 -4.00
CA PHE B 191 23.28 20.20 -5.10
C PHE B 191 23.79 21.46 -5.78
N PRO B 192 23.38 21.67 -7.04
CA PRO B 192 23.78 22.84 -7.81
C PRO B 192 23.25 24.13 -7.21
N ASN B 193 23.88 25.26 -7.54
CA ASN B 193 23.45 26.59 -7.04
C ASN B 193 22.94 27.48 -8.18
N ASN B 194 23.16 27.05 -9.41
CA ASN B 194 22.78 27.90 -10.51
C ASN B 194 21.45 27.66 -11.22
N TYR B 195 20.47 27.12 -10.50
CA TYR B 195 19.16 26.89 -11.10
C TYR B 195 18.21 27.88 -10.49
N TRP B 196 17.89 28.93 -11.25
CA TRP B 196 16.95 29.95 -10.80
C TRP B 196 15.67 29.78 -11.59
N GLY B 197 14.55 29.73 -10.87
CA GLY B 197 13.29 29.50 -11.53
C GLY B 197 12.90 28.02 -11.39
N TRP B 198 11.78 27.67 -11.99
CA TRP B 198 11.26 26.32 -11.91
C TRP B 198 11.86 25.32 -12.88
N GLY B 199 11.91 24.08 -12.42
CA GLY B 199 12.38 22.98 -13.26
C GLY B 199 13.86 22.63 -13.37
N GLY B 200 14.10 21.34 -13.61
CA GLY B 200 15.43 20.81 -13.82
C GLY B 200 16.41 20.53 -12.69
N GLU B 201 16.42 21.32 -11.64
CA GLU B 201 17.39 21.09 -10.58
C GLU B 201 17.28 19.70 -9.98
N ASP B 202 16.06 19.20 -9.78
CA ASP B 202 15.93 17.88 -9.20
C ASP B 202 16.44 16.87 -10.21
N ASP B 203 16.34 17.18 -11.51
CA ASP B 203 16.84 16.24 -12.51
C ASP B 203 18.38 16.30 -12.49
N ASP B 204 18.92 17.50 -12.33
CA ASP B 204 20.37 17.69 -12.26
C ASP B 204 20.93 16.88 -11.08
N ILE B 205 20.21 16.91 -9.95
CA ILE B 205 20.65 16.16 -8.78
C ILE B 205 20.66 14.66 -9.11
N TYR B 206 19.67 14.23 -9.90
CA TYR B 206 19.59 12.83 -10.30
C TYR B 206 20.83 12.44 -11.15
N ASN B 207 21.20 13.29 -12.10
CA ASN B 207 22.36 13.01 -12.92
C ASN B 207 23.61 12.86 -12.03
N ARG B 208 23.68 13.60 -10.94
CA ARG B 208 24.82 13.53 -10.02
C ARG B 208 24.96 12.17 -9.36
N LEU B 209 23.88 11.74 -8.72
CA LEU B 209 23.86 10.45 -8.03
C LEU B 209 24.25 9.39 -9.03
N ALA B 210 23.84 9.58 -10.28
CA ALA B 210 24.14 8.60 -11.31
C ALA B 210 25.63 8.65 -11.63
N PHE B 211 26.12 9.85 -11.94
CA PHE B 211 27.54 10.00 -12.24
C PHE B 211 28.44 9.53 -11.09
N ARG B 212 27.90 9.39 -9.89
CA ARG B 212 28.74 8.92 -8.79
C ARG B 212 28.52 7.44 -8.47
N GLY B 213 27.97 6.69 -9.41
CA GLY B 213 27.77 5.28 -9.17
C GLY B 213 26.75 4.86 -8.14
N MET B 214 25.85 5.77 -7.78
CA MET B 214 24.80 5.43 -6.83
C MET B 214 23.52 5.17 -7.62
N SER B 215 22.58 4.44 -7.01
CA SER B 215 21.29 4.17 -7.65
C SER B 215 20.21 4.61 -6.67
N VAL B 216 19.08 5.09 -7.19
CA VAL B 216 17.99 5.57 -6.35
C VAL B 216 17.13 4.45 -5.74
N SER B 217 16.87 4.55 -4.45
CA SER B 217 16.04 3.58 -3.73
C SER B 217 14.67 4.24 -3.46
N ARG B 218 13.60 3.43 -3.48
CA ARG B 218 12.25 3.92 -3.24
C ARG B 218 11.32 2.89 -2.58
N PRO B 219 10.32 3.39 -1.86
CA PRO B 219 9.33 2.53 -1.19
C PRO B 219 8.34 2.15 -2.30
N ASN B 220 7.56 1.08 -2.16
CA ASN B 220 6.68 0.76 -3.27
C ASN B 220 5.58 1.81 -3.49
N ALA B 221 4.88 1.75 -4.61
CA ALA B 221 3.88 2.76 -4.92
C ALA B 221 2.74 2.91 -3.92
N VAL B 222 2.56 1.89 -3.07
CA VAL B 222 1.48 1.95 -2.07
C VAL B 222 1.92 2.67 -0.82
N ILE B 223 3.06 2.24 -0.29
CA ILE B 223 3.66 2.80 0.91
C ILE B 223 4.15 4.24 0.68
N GLY B 224 4.38 4.58 -0.59
CA GLY B 224 4.87 5.90 -0.95
C GLY B 224 3.85 6.92 -1.41
N LYS B 225 2.58 6.66 -1.13
CA LYS B 225 1.54 7.57 -1.52
C LYS B 225 1.76 8.91 -0.79
N CYS B 226 1.49 10.00 -1.50
CA CYS B 226 1.67 11.35 -0.98
C CYS B 226 0.66 12.32 -1.56
N ARG B 227 0.24 13.27 -0.74
CA ARG B 227 -0.68 14.29 -1.18
C ARG B 227 0.09 15.59 -1.27
N MET B 228 -0.32 16.43 -2.20
CA MET B 228 0.31 17.72 -2.43
C MET B 228 -0.74 18.79 -2.38
N ILE B 229 -0.47 19.84 -1.59
CA ILE B 229 -1.40 20.95 -1.47
C ILE B 229 -1.25 21.73 -2.77
N ARG B 230 -2.27 21.70 -3.60
CA ARG B 230 -2.19 22.44 -4.85
C ARG B 230 -2.26 23.92 -4.51
N HIS B 231 -1.80 24.77 -5.43
CA HIS B 231 -1.73 26.20 -5.17
C HIS B 231 -1.57 26.95 -6.47
N SER B 232 -1.98 28.22 -6.50
CA SER B 232 -1.87 29.04 -7.69
C SER B 232 -0.40 29.20 -8.09
N ARG B 233 -0.12 29.15 -9.39
CA ARG B 233 1.25 29.29 -9.89
C ARG B 233 2.00 30.45 -9.22
N ASP B 234 3.28 30.25 -8.97
CA ASP B 234 4.10 31.27 -8.33
C ASP B 234 4.80 32.16 -9.35
N LYS B 235 4.34 33.41 -9.45
CA LYS B 235 4.90 34.38 -10.37
C LYS B 235 6.36 34.73 -10.04
N LYS B 236 6.88 34.13 -8.97
CA LYS B 236 8.26 34.35 -8.57
C LYS B 236 9.06 33.06 -8.72
N ASN B 237 8.52 32.14 -9.51
CA ASN B 237 9.18 30.88 -9.77
C ASN B 237 8.73 30.44 -11.13
N GLU B 238 8.90 31.34 -12.10
CA GLU B 238 8.55 31.07 -13.47
C GLU B 238 9.42 29.93 -13.99
N PRO B 239 8.92 29.17 -14.98
CA PRO B 239 9.69 28.06 -15.55
C PRO B 239 11.04 28.58 -16.04
N ASN B 240 12.11 27.99 -15.54
CA ASN B 240 13.45 28.39 -15.93
C ASN B 240 13.78 28.10 -17.41
N PRO B 241 13.97 29.14 -18.23
CA PRO B 241 14.30 28.96 -19.66
C PRO B 241 15.61 28.21 -19.94
N GLN B 242 16.55 28.26 -18.99
CA GLN B 242 17.84 27.60 -19.18
C GLN B 242 17.89 26.14 -18.74
N ARG B 243 16.89 25.66 -17.99
CA ARG B 243 16.95 24.27 -17.50
C ARG B 243 17.27 23.18 -18.53
N PHE B 244 16.71 23.28 -19.74
CA PHE B 244 16.99 22.27 -20.74
C PHE B 244 18.46 22.11 -21.09
N ASP B 245 19.22 23.21 -21.13
CA ASP B 245 20.66 23.13 -21.44
C ASP B 245 21.45 22.74 -20.21
N ARG B 246 21.05 23.26 -19.05
CA ARG B 246 21.79 22.95 -17.83
C ARG B 246 21.74 21.49 -17.39
N ILE B 247 20.62 20.80 -17.57
CA ILE B 247 20.59 19.43 -17.12
C ILE B 247 21.42 18.54 -18.00
N ALA B 248 21.89 19.08 -19.12
CA ALA B 248 22.71 18.28 -20.03
C ALA B 248 24.21 18.31 -19.75
N HIS B 249 24.65 19.11 -18.78
CA HIS B 249 26.06 19.28 -18.45
C HIS B 249 26.50 18.98 -17.01
N THR B 250 25.61 18.38 -16.24
CA THR B 250 25.87 18.07 -14.84
C THR B 250 27.25 17.49 -14.61
N LYS B 251 27.58 16.50 -15.43
CA LYS B 251 28.85 15.81 -15.38
C LYS B 251 30.00 16.82 -15.26
N GLU B 252 29.91 17.91 -16.01
CA GLU B 252 30.95 18.92 -16.00
C GLU B 252 30.78 19.89 -14.83
N THR B 253 29.57 20.44 -14.72
CA THR B 253 29.24 21.43 -13.70
C THR B 253 29.11 21.01 -12.22
N MET B 254 28.81 19.75 -11.93
CA MET B 254 28.67 19.34 -10.53
C MET B 254 30.04 19.52 -9.85
N LEU B 255 31.07 19.66 -10.68
CA LEU B 255 32.44 19.84 -10.20
C LEU B 255 32.73 21.26 -9.77
N SER B 256 32.08 22.24 -10.38
CA SER B 256 32.32 23.64 -10.05
C SER B 256 31.18 24.35 -9.30
N ASP B 257 29.99 23.80 -9.38
CA ASP B 257 28.83 24.39 -8.73
C ASP B 257 28.24 23.36 -7.77
N GLY B 258 28.40 23.59 -6.47
CA GLY B 258 27.88 22.66 -5.47
C GLY B 258 28.24 23.13 -4.06
N LEU B 259 28.49 22.18 -3.14
CA LEU B 259 28.85 22.56 -1.77
C LEU B 259 30.04 23.51 -1.82
N ASN B 260 31.07 23.13 -2.58
CA ASN B 260 32.31 23.92 -2.74
C ASN B 260 32.15 25.35 -3.28
N SER B 261 31.03 25.67 -3.92
CA SER B 261 30.86 27.01 -4.45
C SER B 261 29.71 27.75 -3.76
N LEU B 262 29.30 27.25 -2.59
CA LEU B 262 28.21 27.86 -1.88
C LEU B 262 28.49 29.14 -1.05
N THR B 263 27.90 30.25 -1.45
CA THR B 263 28.05 31.50 -0.70
C THR B 263 26.63 32.02 -0.45
N TYR B 264 26.39 32.58 0.73
CA TYR B 264 25.09 33.13 1.08
C TYR B 264 25.20 33.95 2.33
N MET B 265 24.21 34.78 2.60
CA MET B 265 24.28 35.60 3.80
C MET B 265 23.05 35.40 4.67
N VAL B 266 23.28 34.97 5.89
CA VAL B 266 22.19 34.75 6.85
C VAL B 266 21.70 36.08 7.43
N LEU B 267 20.48 36.44 7.09
CA LEU B 267 19.86 37.68 7.56
C LEU B 267 19.14 37.52 8.88
N GLU B 268 18.83 36.28 9.25
CA GLU B 268 18.10 36.02 10.51
C GLU B 268 17.88 34.53 10.81
N VAL B 269 18.00 34.16 12.08
CA VAL B 269 17.78 32.79 12.50
C VAL B 269 16.65 32.84 13.52
N GLN B 270 15.53 32.21 13.22
CA GLN B 270 14.38 32.22 14.14
C GLN B 270 14.11 30.82 14.69
N ARG B 271 14.09 30.71 16.01
CA ARG B 271 13.80 29.43 16.62
C ARG B 271 12.38 29.46 17.14
N TYR B 272 11.50 28.72 16.49
CA TYR B 272 10.13 28.63 16.95
C TYR B 272 10.08 27.30 17.68
N PRO B 273 9.05 27.08 18.50
CA PRO B 273 9.00 25.80 19.22
C PRO B 273 8.92 24.58 18.31
N LEU B 274 8.30 24.75 17.15
CA LEU B 274 8.15 23.64 16.22
C LEU B 274 9.14 23.62 15.07
N TYR B 275 9.87 24.72 14.86
CA TYR B 275 10.80 24.76 13.76
C TYR B 275 11.82 25.87 13.76
N THR B 276 12.91 25.66 13.04
CA THR B 276 13.94 26.67 12.92
C THR B 276 13.77 27.30 11.53
N LYS B 277 13.62 28.62 11.49
CA LYS B 277 13.48 29.32 10.23
C LYS B 277 14.72 30.20 9.98
N ILE B 278 15.39 29.98 8.86
CA ILE B 278 16.58 30.74 8.52
C ILE B 278 16.43 31.55 7.25
N THR B 279 16.23 32.86 7.38
CA THR B 279 16.11 33.71 6.20
C THR B 279 17.52 34.03 5.69
N VAL B 280 17.74 33.82 4.39
CA VAL B 280 19.04 34.05 3.79
C VAL B 280 18.94 34.85 2.51
N ASP B 281 20.07 35.46 2.14
CA ASP B 281 20.16 36.22 0.92
C ASP B 281 21.12 35.36 0.12
N ILE B 282 20.60 34.64 -0.86
CA ILE B 282 21.45 33.77 -1.67
C ILE B 282 21.87 34.44 -2.96
N GLY B 283 21.63 35.74 -3.03
CA GLY B 283 22.04 36.51 -4.18
C GLY B 283 21.08 36.61 -5.32
N THR B 284 21.63 36.79 -6.51
CA THR B 284 20.84 36.92 -7.73
C THR B 284 21.45 36.10 -8.85
N PRO B 285 20.62 35.71 -9.84
CA PRO B 285 21.02 34.92 -11.01
C PRO B 285 22.27 35.54 -11.61
N SER B 286 23.42 34.98 -11.27
CA SER B 286 24.69 35.50 -11.76
C SER B 286 25.03 34.95 -13.13
N THR C 1 -7.08 -2.21 -4.42
CA THR C 1 -8.56 -2.37 -4.37
C THR C 1 -8.88 -3.84 -4.44
N GLU C 2 -9.83 -4.28 -3.61
CA GLU C 2 -10.25 -5.67 -3.61
C GLU C 2 -11.35 -5.73 -4.63
N LEU C 3 -11.02 -6.22 -5.82
CA LEU C 3 -11.99 -6.34 -6.90
C LEU C 3 -12.89 -7.53 -6.67
N THR C 4 -13.95 -7.61 -7.47
CA THR C 4 -14.90 -8.71 -7.36
C THR C 4 -14.68 -9.67 -8.50
N LYS C 5 -15.12 -10.91 -8.32
CA LYS C 5 -14.96 -11.89 -9.39
C LYS C 5 -15.40 -11.32 -10.76
N CYS C 6 -16.52 -10.62 -10.80
CA CYS C 6 -16.99 -10.09 -12.07
C CYS C 6 -16.11 -8.98 -12.63
N LYS C 7 -15.71 -8.04 -11.78
CA LYS C 7 -14.84 -6.98 -12.23
C LYS C 7 -13.60 -7.63 -12.79
N VAL C 8 -12.93 -8.46 -11.98
CA VAL C 8 -11.72 -9.13 -12.43
C VAL C 8 -11.95 -9.86 -13.74
N SER C 9 -13.02 -10.63 -13.79
CA SER C 9 -13.36 -11.39 -15.01
C SER C 9 -13.46 -10.52 -16.24
N HIS C 10 -14.18 -9.41 -16.11
CA HIS C 10 -14.37 -8.49 -17.22
C HIS C 10 -13.05 -7.83 -17.61
N ALA C 11 -12.25 -7.47 -16.62
CA ALA C 11 -10.99 -6.79 -16.89
C ALA C 11 -9.88 -7.60 -17.50
N ILE C 12 -9.98 -8.93 -17.49
CA ILE C 12 -8.92 -9.72 -18.06
C ILE C 12 -9.40 -10.53 -19.25
N LYS C 13 -10.43 -10.02 -19.92
CA LYS C 13 -10.99 -10.71 -21.07
C LYS C 13 -9.94 -11.08 -22.12
N ASP C 14 -9.00 -10.18 -22.36
CA ASP C 14 -7.98 -10.44 -23.37
C ASP C 14 -6.96 -11.50 -22.97
N ILE C 15 -7.06 -12.04 -21.77
CA ILE C 15 -6.12 -13.08 -21.39
C ILE C 15 -6.76 -14.43 -21.65
N ASP C 16 -8.07 -14.41 -21.89
CA ASP C 16 -8.83 -15.63 -22.10
C ASP C 16 -8.44 -16.51 -23.28
N GLY C 17 -8.00 -17.72 -23.01
CA GLY C 17 -7.62 -18.60 -24.10
C GLY C 17 -6.13 -18.72 -24.25
N TYR C 18 -5.40 -17.66 -23.92
CA TYR C 18 -3.94 -17.69 -24.04
C TYR C 18 -3.40 -18.92 -23.31
N GLN C 19 -2.52 -19.65 -23.97
CA GLN C 19 -1.91 -20.82 -23.39
C GLN C 19 -2.92 -21.88 -22.94
N GLY C 20 -4.15 -21.76 -23.42
CA GLY C 20 -5.19 -22.72 -23.06
C GLY C 20 -5.89 -22.48 -21.75
N ILE C 21 -5.61 -21.36 -21.10
CA ILE C 21 -6.23 -21.07 -19.82
C ILE C 21 -7.50 -20.25 -20.00
N SER C 22 -8.62 -20.83 -19.62
CA SER C 22 -9.90 -20.17 -19.76
C SER C 22 -10.14 -19.14 -18.67
N LEU C 23 -11.16 -18.32 -18.89
CA LEU C 23 -11.56 -17.28 -17.95
C LEU C 23 -12.00 -17.83 -16.57
N LEU C 24 -12.67 -18.99 -16.58
CA LEU C 24 -13.10 -19.60 -15.31
C LEU C 24 -11.82 -19.96 -14.55
N GLU C 25 -10.88 -20.63 -15.21
CA GLU C 25 -9.65 -20.95 -14.54
C GLU C 25 -8.99 -19.69 -13.96
N TRP C 26 -8.82 -18.62 -14.74
CA TRP C 26 -8.19 -17.40 -14.20
C TRP C 26 -8.93 -16.81 -13.00
N ALA C 27 -10.25 -16.76 -13.06
CA ALA C 27 -10.99 -16.23 -11.92
C ALA C 27 -10.58 -17.04 -10.67
N CYS C 28 -10.63 -18.37 -10.80
CA CYS C 28 -10.25 -19.26 -9.72
C CYS C 28 -8.78 -19.00 -9.39
N VAL C 29 -7.90 -19.06 -10.38
CA VAL C 29 -6.47 -18.83 -10.13
C VAL C 29 -6.17 -17.52 -9.44
N LEU C 30 -6.61 -16.41 -10.02
CA LEU C 30 -6.33 -15.10 -9.41
C LEU C 30 -6.88 -14.97 -7.99
N PHE C 31 -8.08 -15.46 -7.72
CA PHE C 31 -8.61 -15.36 -6.37
C PHE C 31 -7.65 -16.06 -5.39
N HIS C 32 -7.26 -17.29 -5.67
CA HIS C 32 -6.34 -17.97 -4.73
C HIS C 32 -4.91 -17.44 -4.73
N THR C 33 -4.67 -16.45 -5.58
CA THR C 33 -3.34 -15.87 -5.68
C THR C 33 -3.24 -14.56 -4.93
N SER C 34 -4.26 -13.70 -5.11
CA SER C 34 -4.23 -12.39 -4.48
C SER C 34 -5.54 -11.96 -3.82
N GLY C 35 -6.48 -12.87 -3.72
CA GLY C 35 -7.75 -12.49 -3.15
C GLY C 35 -8.26 -11.30 -3.96
N TYR C 36 -7.93 -11.26 -5.25
CA TYR C 36 -8.34 -10.17 -6.13
C TYR C 36 -7.83 -8.78 -5.67
N ASP C 37 -6.83 -8.76 -4.79
CA ASP C 37 -6.31 -7.47 -4.33
C ASP C 37 -5.26 -6.87 -5.27
N THR C 38 -5.60 -5.79 -5.99
CA THR C 38 -4.68 -5.14 -6.94
C THR C 38 -3.40 -4.56 -6.36
N GLN C 39 -3.40 -4.29 -5.05
CA GLN C 39 -2.21 -3.76 -4.38
C GLN C 39 -1.50 -4.80 -3.48
N ALA C 40 -1.85 -6.08 -3.61
CA ALA C 40 -1.19 -7.08 -2.77
C ALA C 40 0.34 -7.09 -2.98
N VAL C 41 1.06 -7.09 -1.87
CA VAL C 41 2.52 -7.13 -1.85
C VAL C 41 2.93 -8.27 -0.90
N VAL C 42 3.62 -9.26 -1.43
CA VAL C 42 4.00 -10.41 -0.60
C VAL C 42 5.44 -10.86 -0.76
N ASN C 43 6.07 -11.15 0.39
CA ASN C 43 7.46 -11.64 0.46
C ASN C 43 7.52 -13.16 0.31
N ASP C 44 8.55 -13.62 -0.37
CA ASP C 44 8.75 -15.05 -0.59
C ASP C 44 10.26 -15.27 -0.65
N ASN C 45 10.81 -15.88 0.41
CA ASN C 45 12.23 -16.17 0.48
C ASN C 45 13.09 -15.07 -0.17
N GLY C 46 12.93 -13.83 0.27
CA GLY C 46 13.74 -12.76 -0.31
C GLY C 46 13.19 -12.08 -1.57
N SER C 47 12.06 -12.57 -2.08
CA SER C 47 11.45 -11.98 -3.27
C SER C 47 10.13 -11.32 -2.96
N THR C 48 9.71 -10.40 -3.82
CA THR C 48 8.44 -9.71 -3.63
C THR C 48 7.56 -9.92 -4.87
N GLU C 49 6.32 -10.36 -4.63
CA GLU C 49 5.38 -10.62 -5.72
C GLU C 49 4.35 -9.50 -5.67
N TYR C 50 3.96 -9.00 -6.85
CA TYR C 50 3.08 -7.82 -6.93
C TYR C 50 1.69 -7.87 -7.56
N GLY C 51 0.73 -7.20 -6.92
CA GLY C 51 -0.61 -7.12 -7.45
C GLY C 51 -1.46 -8.37 -7.68
N LEU C 52 -2.52 -8.12 -8.44
CA LEU C 52 -3.51 -9.10 -8.81
C LEU C 52 -2.96 -10.47 -9.17
N PHE C 53 -1.97 -10.47 -10.06
CA PHE C 53 -1.32 -11.67 -10.58
C PHE C 53 -0.12 -12.11 -9.74
N GLN C 54 0.29 -11.25 -8.79
CA GLN C 54 1.44 -11.53 -7.93
C GLN C 54 2.70 -11.85 -8.69
N ILE C 55 3.04 -10.97 -9.64
CA ILE C 55 4.23 -11.10 -10.46
C ILE C 55 5.44 -10.83 -9.56
N SER C 56 6.49 -11.62 -9.71
CA SER C 56 7.68 -11.52 -8.86
C SER C 56 8.79 -10.62 -9.40
N ASP C 57 9.47 -9.91 -8.50
CA ASP C 57 10.57 -9.00 -8.85
C ASP C 57 11.89 -9.76 -9.03
N ARG C 58 11.85 -11.06 -8.74
CA ARG C 58 13.00 -11.93 -8.86
C ARG C 58 13.42 -12.02 -10.33
N PHE C 59 12.45 -12.19 -11.23
CA PHE C 59 12.78 -12.28 -12.64
C PHE C 59 11.91 -11.42 -13.55
N TRP C 60 10.69 -11.13 -13.11
CA TRP C 60 9.73 -10.46 -13.99
C TRP C 60 9.52 -8.95 -14.03
N CYS C 61 9.38 -8.29 -12.88
CA CYS C 61 9.22 -6.83 -12.90
C CYS C 61 10.39 -6.22 -12.17
N LYS C 62 10.77 -5.00 -12.51
CA LYS C 62 11.87 -4.32 -11.85
C LYS C 62 11.33 -3.68 -10.59
N SER C 63 12.08 -3.78 -9.49
CA SER C 63 11.66 -3.24 -8.21
C SER C 63 12.47 -2.01 -7.82
N SER C 64 11.76 -0.99 -7.34
CA SER C 64 12.35 0.29 -6.97
C SER C 64 13.03 0.30 -5.61
N GLU C 65 13.23 -0.87 -5.03
CA GLU C 65 13.91 -0.91 -3.74
C GLU C 65 15.41 -0.89 -4.00
N PHE C 66 15.83 -1.80 -4.87
CA PHE C 66 17.22 -1.99 -5.20
C PHE C 66 17.27 -2.16 -6.72
N PRO C 67 18.47 -2.23 -7.32
CA PRO C 67 18.56 -2.36 -8.78
C PRO C 67 19.18 -3.61 -9.42
N GLU C 68 18.40 -4.60 -9.84
CA GLU C 68 19.05 -5.72 -10.49
C GLU C 68 18.30 -6.79 -11.24
N SER C 69 16.98 -6.85 -11.14
CA SER C 69 16.24 -7.92 -11.82
C SER C 69 16.47 -8.10 -13.30
N GLU C 70 16.10 -9.29 -13.76
CA GLU C 70 16.15 -9.60 -15.17
C GLU C 70 15.03 -8.75 -15.76
N ASN C 71 14.10 -8.32 -14.91
CA ASN C 71 12.97 -7.50 -15.32
C ASN C 71 12.51 -8.01 -16.67
N ILE C 72 12.18 -9.30 -16.74
CA ILE C 72 11.79 -9.90 -18.01
C ILE C 72 10.64 -9.23 -18.72
N CYS C 73 9.73 -8.71 -17.93
CA CYS C 73 8.55 -8.04 -18.46
C CYS C 73 8.85 -6.58 -18.86
N GLY C 74 10.02 -6.08 -18.50
CA GLY C 74 10.34 -4.70 -18.83
C GLY C 74 9.25 -3.76 -18.30
N ILE C 75 8.93 -3.93 -17.02
CA ILE C 75 7.89 -3.12 -16.41
C ILE C 75 8.21 -2.91 -14.96
N SER C 76 7.96 -1.72 -14.45
CA SER C 76 8.20 -1.46 -13.03
C SER C 76 7.19 -2.26 -12.19
N CYS C 77 7.65 -2.90 -11.12
CA CYS C 77 6.76 -3.67 -10.27
C CYS C 77 5.70 -2.73 -9.69
N ASP C 78 6.07 -1.46 -9.49
CA ASP C 78 5.11 -0.50 -8.96
C ASP C 78 3.91 -0.33 -9.89
N LYS C 79 4.06 -0.67 -11.15
CA LYS C 79 2.95 -0.53 -12.06
C LYS C 79 1.93 -1.69 -11.96
N LEU C 80 2.24 -2.69 -11.13
CA LEU C 80 1.34 -3.82 -10.93
C LEU C 80 0.59 -3.60 -9.63
N LEU C 81 0.65 -2.37 -9.14
CA LEU C 81 -0.01 -2.02 -7.88
C LEU C 81 -1.15 -1.03 -8.06
N ASP C 82 -1.56 -0.77 -9.32
CA ASP C 82 -2.68 0.14 -9.57
C ASP C 82 -3.87 -0.62 -10.10
N ASP C 83 -4.92 0.10 -10.48
CA ASP C 83 -6.14 -0.54 -10.97
C ASP C 83 -6.23 -0.65 -12.48
N GLU C 84 -5.16 -0.27 -13.16
CA GLU C 84 -5.03 -0.37 -14.62
C GLU C 84 -4.32 -1.69 -14.78
N LEU C 85 -5.04 -2.68 -15.27
CA LEU C 85 -4.55 -4.04 -15.39
C LEU C 85 -3.91 -4.48 -16.70
N ASP C 86 -3.98 -3.63 -17.72
CA ASP C 86 -3.43 -4.01 -19.01
C ASP C 86 -1.95 -4.24 -18.97
N ASP C 87 -1.21 -3.50 -18.17
CA ASP C 87 0.19 -3.82 -18.17
C ASP C 87 0.48 -5.10 -17.34
N ASP C 88 -0.33 -5.41 -16.34
CA ASP C 88 -0.08 -6.64 -15.57
C ASP C 88 -0.44 -7.79 -16.48
N ILE C 89 -1.52 -7.64 -17.22
CA ILE C 89 -1.93 -8.70 -18.14
C ILE C 89 -0.86 -9.01 -19.17
N ALA C 90 -0.26 -7.97 -19.73
CA ALA C 90 0.78 -8.17 -20.73
C ALA C 90 1.95 -8.93 -20.14
N CYS C 91 2.28 -8.68 -18.86
CA CYS C 91 3.39 -9.38 -18.22
C CYS C 91 2.99 -10.84 -17.99
N ALA C 92 1.73 -11.05 -17.60
CA ALA C 92 1.18 -12.38 -17.32
C ALA C 92 1.34 -13.22 -18.56
N LYS C 93 1.06 -12.59 -19.70
CA LYS C 93 1.17 -13.27 -20.98
C LYS C 93 2.61 -13.74 -21.18
N LYS C 94 3.59 -12.88 -20.92
CA LYS C 94 4.97 -13.26 -21.07
C LYS C 94 5.34 -14.37 -20.07
N ILE C 95 4.61 -14.47 -18.96
CA ILE C 95 4.93 -15.51 -18.02
C ILE C 95 4.39 -16.83 -18.58
N LEU C 96 3.19 -16.79 -19.15
CA LEU C 96 2.56 -17.98 -19.74
C LEU C 96 3.41 -18.55 -20.84
N ALA C 97 3.87 -17.66 -21.72
CA ALA C 97 4.70 -17.98 -22.88
C ALA C 97 6.06 -18.58 -22.51
N ILE C 98 6.70 -18.04 -21.48
CA ILE C 98 8.00 -18.53 -21.07
C ILE C 98 7.97 -19.65 -20.01
N LYS C 99 7.15 -19.50 -18.96
CA LYS C 99 7.06 -20.54 -17.91
C LYS C 99 5.82 -21.41 -17.96
N GLY C 100 4.68 -20.79 -18.21
CA GLY C 100 3.45 -21.56 -18.26
C GLY C 100 2.58 -21.29 -17.05
N ILE C 101 1.38 -21.85 -17.06
CA ILE C 101 0.42 -21.66 -16.00
C ILE C 101 0.93 -22.02 -14.61
N ASP C 102 1.93 -22.89 -14.51
CA ASP C 102 2.45 -23.28 -13.19
C ASP C 102 3.18 -22.21 -12.41
N TYR C 103 3.29 -21.02 -12.98
CA TYR C 103 3.94 -19.93 -12.26
C TYR C 103 3.04 -19.62 -11.08
N TRP C 104 1.74 -19.84 -11.28
CA TRP C 104 0.71 -19.64 -10.27
C TRP C 104 0.46 -20.96 -9.54
N LYS C 105 1.15 -21.15 -8.42
CA LYS C 105 1.05 -22.39 -7.64
C LYS C 105 -0.35 -22.79 -7.17
N ALA C 106 -1.31 -21.88 -7.30
CA ALA C 106 -2.69 -22.14 -6.91
C ALA C 106 -3.46 -22.90 -7.98
N TYR C 107 -2.95 -22.91 -9.21
CA TYR C 107 -3.72 -23.58 -10.26
C TYR C 107 -3.98 -25.08 -10.07
N LYS C 108 -2.93 -25.88 -9.94
CA LYS C 108 -3.10 -27.32 -9.78
C LYS C 108 -3.99 -27.73 -8.58
N PRO C 109 -3.71 -27.22 -7.38
CA PRO C 109 -4.53 -27.62 -6.23
C PRO C 109 -5.97 -27.13 -6.09
N MET C 110 -6.22 -25.89 -6.47
CA MET C 110 -7.55 -25.29 -6.29
C MET C 110 -8.41 -25.09 -7.51
N CYS C 111 -7.83 -25.24 -8.70
CA CYS C 111 -8.61 -24.99 -9.89
C CYS C 111 -8.54 -26.12 -10.92
N SER C 112 -8.44 -27.36 -10.44
CA SER C 112 -8.38 -28.49 -11.32
C SER C 112 -9.74 -29.08 -11.57
N GLU C 113 -10.76 -28.57 -10.88
CA GLU C 113 -12.12 -29.07 -11.03
C GLU C 113 -13.10 -28.06 -10.46
N LYS C 114 -14.37 -28.22 -10.79
CA LYS C 114 -15.39 -27.33 -10.29
C LYS C 114 -15.14 -25.90 -10.76
N LEU C 115 -14.90 -25.76 -12.06
CA LEU C 115 -14.64 -24.45 -12.64
C LEU C 115 -15.90 -23.62 -12.83
N GLU C 116 -17.06 -24.26 -12.95
CA GLU C 116 -18.28 -23.49 -13.20
C GLU C 116 -18.65 -22.45 -12.16
N GLN C 117 -18.30 -22.72 -10.91
CA GLN C 117 -18.59 -21.80 -9.82
C GLN C 117 -17.93 -20.44 -10.02
N TRP C 118 -16.86 -20.41 -10.79
CA TRP C 118 -16.10 -19.17 -11.02
C TRP C 118 -16.60 -18.24 -12.11
N ARG C 119 -17.68 -18.61 -12.81
CA ARG C 119 -18.22 -17.79 -13.87
C ARG C 119 -18.84 -16.57 -13.25
N CYS C 120 -18.87 -15.47 -13.99
CA CYS C 120 -19.49 -14.29 -13.42
C CYS C 120 -20.97 -14.47 -13.76
N GLU C 121 -21.76 -14.80 -12.74
CA GLU C 121 -23.20 -15.06 -12.86
C GLU C 121 -24.00 -13.82 -13.04
N LYS C 122 -23.49 -12.85 -13.80
CA LYS C 122 -24.23 -11.61 -13.91
C LYS C 122 -25.14 -11.35 -15.09
N PRO C 123 -26.32 -10.77 -14.80
CA PRO C 123 -27.39 -10.38 -15.73
C PRO C 123 -27.11 -8.96 -16.26
N LEU D 15 -35.72 -31.48 33.97
CA LEU D 15 -34.71 -32.23 33.14
C LEU D 15 -35.30 -32.65 31.78
N THR D 16 -35.97 -31.70 31.12
CA THR D 16 -36.60 -31.92 29.82
C THR D 16 -35.74 -31.39 28.69
N ALA D 17 -35.22 -32.30 27.86
CA ALA D 17 -34.37 -31.93 26.73
C ALA D 17 -34.89 -30.69 25.99
N CYS D 18 -33.97 -29.98 25.33
CA CYS D 18 -34.34 -28.78 24.58
C CYS D 18 -34.83 -29.14 23.19
N PRO D 19 -35.59 -28.24 22.58
CA PRO D 19 -36.13 -28.44 21.23
C PRO D 19 -35.04 -28.56 20.14
N GLU D 20 -35.39 -29.10 18.97
CA GLU D 20 -34.44 -29.24 17.86
C GLU D 20 -34.12 -27.86 17.29
N GLU D 21 -35.08 -26.95 17.44
CA GLU D 21 -34.91 -25.57 17.02
C GLU D 21 -35.26 -24.79 18.26
N SER D 22 -34.64 -23.63 18.44
CA SER D 22 -34.93 -22.83 19.61
C SER D 22 -35.91 -21.72 19.31
N PRO D 23 -36.96 -21.58 20.14
CA PRO D 23 -38.02 -20.58 20.03
C PRO D 23 -37.52 -19.17 20.33
N LEU D 24 -36.26 -19.08 20.67
CA LEU D 24 -35.67 -17.80 21.02
C LEU D 24 -35.16 -17.10 19.77
N LEU D 25 -34.65 -17.91 18.84
CA LEU D 25 -34.06 -17.43 17.59
C LEU D 25 -34.77 -16.22 16.99
N VAL D 26 -34.03 -15.14 16.81
CA VAL D 26 -34.57 -13.91 16.25
C VAL D 26 -34.55 -13.86 14.70
N GLY D 27 -33.66 -14.64 14.08
CA GLY D 27 -33.51 -14.67 12.64
C GLY D 27 -32.42 -13.67 12.25
N PRO D 28 -32.61 -12.89 11.18
CA PRO D 28 -31.59 -11.89 10.76
C PRO D 28 -31.39 -10.78 11.81
N MET D 29 -30.17 -10.25 11.86
CA MET D 29 -29.79 -9.20 12.82
C MET D 29 -28.70 -8.25 12.29
N LEU D 30 -28.71 -7.01 12.79
CA LEU D 30 -27.74 -5.99 12.37
C LEU D 30 -26.41 -6.17 13.08
N ILE D 31 -25.32 -6.09 12.32
CA ILE D 31 -23.94 -6.21 12.85
C ILE D 31 -23.13 -4.99 12.40
N GLU D 32 -22.51 -4.29 13.35
CA GLU D 32 -21.69 -3.11 13.07
C GLU D 32 -20.57 -2.95 14.09
N PHE D 33 -19.43 -2.43 13.65
CA PHE D 33 -18.29 -2.22 14.52
C PHE D 33 -18.03 -0.73 14.53
N ASN D 34 -16.76 -0.32 14.56
CA ASN D 34 -16.43 1.10 14.59
C ASN D 34 -17.39 1.82 15.53
N ILE D 35 -17.64 1.16 16.66
CA ILE D 35 -18.52 1.63 17.74
C ILE D 35 -17.96 1.03 19.04
N PRO D 36 -16.92 1.69 19.62
CA PRO D 36 -16.23 1.28 20.84
C PRO D 36 -17.03 0.40 21.81
N VAL D 37 -16.43 -0.74 22.15
CA VAL D 37 -17.06 -1.70 23.05
C VAL D 37 -16.47 -1.63 24.47
N ASP D 38 -17.29 -2.01 25.44
CA ASP D 38 -16.91 -2.02 26.84
C ASP D 38 -17.22 -3.37 27.49
N LEU D 39 -16.17 -4.19 27.62
CA LEU D 39 -16.28 -5.52 28.21
C LEU D 39 -17.15 -5.47 29.44
N LYS D 40 -16.97 -4.40 30.23
CA LYS D 40 -17.74 -4.21 31.45
C LYS D 40 -19.22 -4.53 31.26
N LEU D 41 -19.98 -3.51 30.86
CA LEU D 41 -21.41 -3.68 30.65
C LEU D 41 -21.71 -5.05 30.05
N VAL D 42 -21.15 -5.28 28.87
CA VAL D 42 -21.35 -6.55 28.17
C VAL D 42 -21.51 -7.73 29.13
N GLU D 43 -20.74 -7.72 30.21
CA GLU D 43 -20.78 -8.81 31.18
C GLU D 43 -22.10 -9.08 31.90
N GLN D 44 -22.57 -8.12 32.71
CA GLN D 44 -23.82 -8.38 33.43
C GLN D 44 -25.02 -8.45 32.49
N GLN D 45 -24.82 -8.04 31.23
CA GLN D 45 -25.89 -8.10 30.24
C GLN D 45 -26.06 -9.57 29.87
N ASN D 46 -25.08 -10.37 30.29
CA ASN D 46 -25.08 -11.81 30.08
C ASN D 46 -24.63 -12.39 31.42
N PRO D 47 -25.31 -11.98 32.49
CA PRO D 47 -24.98 -12.46 33.83
C PRO D 47 -25.25 -13.95 33.90
N LYS D 48 -26.04 -14.45 32.96
CA LYS D 48 -26.33 -15.86 32.96
C LYS D 48 -25.04 -16.57 32.57
N VAL D 49 -24.03 -15.76 32.20
CA VAL D 49 -22.71 -16.27 31.81
C VAL D 49 -21.77 -16.20 32.99
N LYS D 50 -21.43 -17.38 33.50
CA LYS D 50 -20.55 -17.52 34.63
C LYS D 50 -19.09 -17.21 34.28
N LEU D 51 -18.23 -17.17 35.29
CA LEU D 51 -16.81 -16.89 35.13
C LEU D 51 -16.16 -17.81 34.11
N GLY D 52 -15.42 -17.21 33.18
CA GLY D 52 -14.73 -18.00 32.17
C GLY D 52 -15.49 -18.10 30.87
N GLY D 53 -16.54 -17.30 30.73
CA GLY D 53 -17.34 -17.32 29.52
C GLY D 53 -18.12 -18.62 29.40
N ARG D 54 -18.86 -18.96 30.46
CA ARG D 54 -19.65 -20.18 30.49
C ARG D 54 -21.13 -19.95 30.65
N TYR D 55 -21.92 -20.75 29.94
CA TYR D 55 -23.37 -20.69 30.01
C TYR D 55 -24.01 -22.04 29.70
N THR D 56 -25.04 -22.38 30.47
CA THR D 56 -25.78 -23.62 30.31
C THR D 56 -27.25 -23.28 30.48
N PRO D 57 -28.12 -23.91 29.70
CA PRO D 57 -29.55 -23.60 29.82
C PRO D 57 -30.14 -24.00 31.17
N MET D 58 -31.04 -23.16 31.67
CA MET D 58 -31.75 -23.43 32.92
C MET D 58 -33.23 -23.70 32.58
N ASP D 59 -33.55 -23.55 31.29
CA ASP D 59 -34.91 -23.76 30.77
C ASP D 59 -35.11 -25.14 30.17
N CYS D 60 -34.02 -25.89 29.97
CA CYS D 60 -34.08 -27.23 29.37
C CYS D 60 -32.70 -27.90 29.27
N ILE D 61 -32.68 -29.21 29.07
CA ILE D 61 -31.43 -29.94 28.91
C ILE D 61 -31.00 -29.91 27.44
N SER D 62 -29.96 -29.14 27.13
CA SER D 62 -29.47 -29.00 25.77
C SER D 62 -28.60 -30.18 25.38
N PRO D 63 -28.55 -30.50 24.08
CA PRO D 63 -27.74 -31.60 23.56
C PRO D 63 -26.41 -31.10 23.01
N HIS D 64 -26.27 -29.79 22.94
CA HIS D 64 -25.07 -29.15 22.41
C HIS D 64 -24.03 -28.71 23.44
N LYS D 65 -23.22 -29.66 23.91
CA LYS D 65 -22.16 -29.32 24.86
C LYS D 65 -21.08 -28.76 23.94
N VAL D 66 -21.15 -27.45 23.70
CA VAL D 66 -20.25 -26.76 22.76
C VAL D 66 -19.17 -25.80 23.25
N ALA D 67 -17.92 -26.09 22.85
CA ALA D 67 -16.76 -25.26 23.20
C ALA D 67 -16.33 -24.43 21.96
N ILE D 68 -16.46 -23.11 22.05
CA ILE D 68 -16.07 -22.22 20.95
C ILE D 68 -14.62 -21.74 21.09
N ILE D 69 -13.77 -22.23 20.20
CA ILE D 69 -12.34 -21.92 20.15
C ILE D 69 -11.93 -20.78 19.17
N ILE D 70 -11.19 -19.83 19.69
CA ILE D 70 -10.72 -18.68 18.93
C ILE D 70 -9.21 -18.52 19.01
N PRO D 71 -8.49 -18.72 17.89
CA PRO D 71 -7.03 -18.56 17.86
C PRO D 71 -6.77 -17.07 18.00
N PHE D 72 -5.71 -16.66 18.68
CA PHE D 72 -5.52 -15.23 18.97
C PHE D 72 -4.10 -14.67 19.27
N ARG D 73 -3.92 -13.39 18.99
CA ARG D 73 -2.66 -12.70 19.28
C ARG D 73 -2.71 -11.19 18.99
N ASN D 74 -2.79 -10.39 20.04
CA ASN D 74 -2.82 -8.95 19.89
C ASN D 74 -3.97 -8.46 19.00
N ARG D 75 -5.18 -8.82 19.35
CA ARG D 75 -6.38 -8.41 18.63
C ARG D 75 -7.48 -8.21 19.67
N GLN D 76 -7.11 -7.58 20.80
CA GLN D 76 -8.05 -7.35 21.90
C GLN D 76 -9.32 -6.64 21.40
N GLU D 77 -9.13 -5.58 20.61
CA GLU D 77 -10.25 -4.84 20.05
C GLU D 77 -11.26 -5.77 19.37
N HIS D 78 -10.77 -6.66 18.52
CA HIS D 78 -11.62 -7.61 17.83
C HIS D 78 -12.34 -8.51 18.82
N LEU D 79 -11.60 -9.01 19.81
CA LEU D 79 -12.17 -9.91 20.80
C LEU D 79 -13.37 -9.27 21.45
N LYS D 80 -13.28 -7.98 21.72
CA LYS D 80 -14.39 -7.27 22.34
C LYS D 80 -15.66 -7.50 21.54
N TYR D 81 -15.65 -7.02 20.31
CA TYR D 81 -16.83 -7.16 19.46
C TYR D 81 -17.29 -8.60 19.40
N TRP D 82 -16.37 -9.55 19.26
CA TRP D 82 -16.82 -10.94 19.17
C TRP D 82 -17.66 -11.29 20.40
N LEU D 83 -17.22 -10.80 21.56
CA LEU D 83 -17.89 -11.02 22.84
C LEU D 83 -19.18 -10.22 22.88
N TYR D 84 -19.11 -8.98 22.43
CA TYR D 84 -20.26 -8.11 22.39
C TYR D 84 -21.47 -8.71 21.62
N TYR D 85 -21.19 -9.45 20.57
CA TYR D 85 -22.25 -10.05 19.76
C TYR D 85 -22.56 -11.51 19.99
N LEU D 86 -21.52 -12.31 20.08
CA LEU D 86 -21.74 -13.74 20.20
C LEU D 86 -22.45 -14.30 21.42
N HIS D 87 -22.22 -13.74 22.61
CA HIS D 87 -22.87 -14.26 23.83
C HIS D 87 -24.39 -14.23 23.70
N PRO D 88 -24.98 -13.04 23.49
CA PRO D 88 -26.44 -12.93 23.34
C PRO D 88 -27.01 -14.00 22.40
N ILE D 89 -26.39 -14.10 21.22
CA ILE D 89 -26.80 -15.04 20.19
C ILE D 89 -26.64 -16.47 20.67
N LEU D 90 -25.42 -16.83 21.01
CA LEU D 90 -25.06 -18.16 21.47
C LEU D 90 -26.02 -18.76 22.50
N GLN D 91 -26.55 -17.88 23.34
CA GLN D 91 -27.48 -18.30 24.38
C GLN D 91 -28.86 -18.61 23.79
N ARG D 92 -29.38 -17.68 22.99
CA ARG D 92 -30.66 -17.92 22.37
C ARG D 92 -30.53 -19.30 21.75
N GLN D 93 -29.45 -19.49 21.03
CA GLN D 93 -29.19 -20.75 20.37
C GLN D 93 -29.11 -21.92 21.37
N GLN D 94 -29.63 -21.68 22.58
CA GLN D 94 -29.69 -22.68 23.64
C GLN D 94 -28.49 -23.63 23.70
N LEU D 95 -27.28 -23.08 23.76
CA LEU D 95 -26.13 -23.96 23.81
C LEU D 95 -25.44 -24.02 25.17
N ASP D 96 -25.03 -25.21 25.54
CA ASP D 96 -24.31 -25.42 26.80
C ASP D 96 -22.87 -25.18 26.38
N TYR D 97 -22.49 -23.90 26.32
CA TYR D 97 -21.16 -23.53 25.84
C TYR D 97 -20.14 -22.95 26.79
N GLY D 98 -18.98 -22.63 26.23
CA GLY D 98 -17.84 -22.03 26.93
C GLY D 98 -16.90 -21.36 25.93
N ILE D 99 -16.50 -20.12 26.20
CA ILE D 99 -15.61 -19.40 25.28
C ILE D 99 -14.13 -19.55 25.58
N TYR D 100 -13.37 -20.04 24.59
CA TYR D 100 -11.94 -20.26 24.74
C TYR D 100 -11.07 -19.50 23.74
N VAL D 101 -10.16 -18.68 24.27
CA VAL D 101 -9.25 -17.89 23.46
C VAL D 101 -7.82 -18.43 23.60
N ILE D 102 -7.35 -19.16 22.59
CA ILE D 102 -6.01 -19.72 22.58
C ILE D 102 -5.02 -18.66 22.08
N ASN D 103 -4.26 -18.07 23.01
CA ASN D 103 -3.30 -17.00 22.70
C ASN D 103 -1.87 -17.48 22.42
N GLN D 104 -1.45 -17.36 21.16
CA GLN D 104 -0.09 -17.79 20.77
C GLN D 104 0.96 -16.80 21.29
N ALA D 105 1.79 -17.29 22.19
CA ALA D 105 2.84 -16.47 22.76
C ALA D 105 4.03 -16.44 21.80
N GLY D 106 4.91 -15.47 21.98
CA GLY D 106 6.09 -15.39 21.14
C GLY D 106 5.96 -14.54 19.90
N GLU D 107 7.00 -14.60 19.07
CA GLU D 107 7.04 -13.81 17.84
C GLU D 107 7.17 -14.66 16.57
N SER D 108 6.64 -15.88 16.57
CA SER D 108 6.69 -16.74 15.38
C SER D 108 5.47 -16.48 14.53
N MET D 109 5.53 -16.92 13.27
CA MET D 109 4.41 -16.74 12.37
C MET D 109 3.19 -17.42 12.97
N PHE D 110 2.05 -16.74 12.88
CA PHE D 110 0.78 -17.24 13.41
C PHE D 110 0.48 -18.63 12.93
N ASN D 111 0.06 -19.50 13.84
CA ASN D 111 -0.25 -20.87 13.45
C ASN D 111 -1.68 -21.19 13.85
N ARG D 112 -2.63 -20.69 13.06
CA ARG D 112 -4.06 -20.88 13.31
C ARG D 112 -4.51 -22.30 13.62
N ALA D 113 -4.18 -23.24 12.73
CA ALA D 113 -4.64 -24.59 12.95
C ALA D 113 -4.16 -25.20 14.27
N LYS D 114 -2.88 -25.03 14.57
CA LYS D 114 -2.33 -25.59 15.80
C LYS D 114 -3.03 -25.05 17.06
N LEU D 115 -3.37 -23.76 17.05
CA LEU D 115 -4.03 -23.17 18.20
C LEU D 115 -5.44 -23.72 18.36
N LEU D 116 -6.03 -24.19 17.27
CA LEU D 116 -7.37 -24.75 17.35
C LEU D 116 -7.26 -26.13 17.98
N ASN D 117 -6.18 -26.82 17.64
CA ASN D 117 -5.92 -28.14 18.18
C ASN D 117 -5.71 -28.01 19.69
N VAL D 118 -5.06 -26.92 20.07
CA VAL D 118 -4.77 -26.64 21.47
C VAL D 118 -6.06 -26.33 22.15
N GLY D 119 -6.88 -25.50 21.53
CA GLY D 119 -8.16 -25.16 22.12
C GLY D 119 -8.93 -26.43 22.40
N PHE D 120 -8.89 -27.36 21.44
CA PHE D 120 -9.59 -28.63 21.55
C PHE D 120 -9.23 -29.40 22.83
N LYS D 121 -7.96 -29.74 22.99
CA LYS D 121 -7.54 -30.49 24.17
C LYS D 121 -7.70 -29.76 25.51
N GLU D 122 -7.47 -28.45 25.53
CA GLU D 122 -7.59 -27.69 26.76
C GLU D 122 -9.04 -27.57 27.21
N ALA D 123 -9.93 -27.24 26.28
CA ALA D 123 -11.33 -27.10 26.63
C ALA D 123 -11.86 -28.41 27.20
N LEU D 124 -11.23 -29.51 26.80
CA LEU D 124 -11.64 -30.82 27.26
C LEU D 124 -11.18 -31.08 28.70
N LYS D 125 -10.55 -30.08 29.31
CA LYS D 125 -10.08 -30.19 30.70
C LYS D 125 -11.02 -29.42 31.61
N ASP D 126 -12.05 -28.82 31.04
CA ASP D 126 -13.03 -28.05 31.80
C ASP D 126 -14.39 -28.73 31.80
N TYR D 127 -14.67 -29.44 30.71
CA TYR D 127 -15.96 -30.10 30.53
C TYR D 127 -15.76 -31.21 29.49
N ASP D 128 -16.78 -32.05 29.30
CA ASP D 128 -16.67 -33.14 28.34
C ASP D 128 -17.51 -32.86 27.11
N TYR D 129 -17.37 -31.66 26.55
CA TYR D 129 -18.12 -31.25 25.36
C TYR D 129 -18.06 -32.36 24.31
N ASN D 130 -19.03 -32.33 23.39
CA ASN D 130 -19.07 -33.31 22.31
C ASN D 130 -18.89 -32.57 20.99
N CYS D 131 -19.06 -31.24 21.04
CA CYS D 131 -18.95 -30.41 19.85
C CYS D 131 -18.07 -29.16 19.97
N PHE D 132 -17.30 -28.90 18.92
CA PHE D 132 -16.40 -27.75 18.90
C PHE D 132 -16.62 -26.77 17.72
N VAL D 133 -16.68 -25.49 18.03
CA VAL D 133 -16.81 -24.46 17.01
C VAL D 133 -15.47 -23.74 16.92
N PHE D 134 -14.93 -23.61 15.71
CA PHE D 134 -13.65 -22.95 15.53
C PHE D 134 -13.83 -21.61 14.84
N SER D 135 -13.61 -20.52 15.55
CA SER D 135 -13.85 -19.22 14.92
C SER D 135 -12.83 -18.09 14.95
N ASP D 136 -12.57 -17.50 13.79
CA ASP D 136 -11.66 -16.38 13.76
C ASP D 136 -12.30 -15.29 14.60
N VAL D 137 -11.46 -14.53 15.28
CA VAL D 137 -11.90 -13.49 16.16
C VAL D 137 -12.47 -12.26 15.44
N ASP D 138 -12.54 -12.30 14.10
CA ASP D 138 -13.09 -11.17 13.37
C ASP D 138 -14.35 -11.48 12.55
N LEU D 139 -15.00 -12.60 12.84
CA LEU D 139 -16.21 -12.98 12.11
C LEU D 139 -17.44 -13.03 13.01
N ILE D 140 -18.38 -12.12 12.74
CA ILE D 140 -19.63 -12.01 13.49
C ILE D 140 -20.79 -12.59 12.66
N PRO D 141 -21.43 -13.64 13.15
CA PRO D 141 -22.55 -14.22 12.39
C PRO D 141 -23.66 -13.20 12.12
N MET D 142 -24.58 -13.51 11.20
CA MET D 142 -25.66 -12.57 10.88
C MET D 142 -27.08 -13.08 11.09
N ASN D 143 -27.22 -14.39 11.29
CA ASN D 143 -28.52 -15.02 11.49
C ASN D 143 -28.34 -16.14 12.51
N ASP D 144 -28.95 -15.93 13.67
CA ASP D 144 -28.86 -16.88 14.76
C ASP D 144 -29.51 -18.21 14.40
N HIS D 145 -29.89 -18.35 13.13
CA HIS D 145 -30.45 -19.63 12.71
C HIS D 145 -29.24 -20.45 12.35
N ASN D 146 -28.11 -19.76 12.24
CA ASN D 146 -26.85 -20.40 11.90
C ASN D 146 -26.23 -21.03 13.17
N THR D 147 -26.94 -22.01 13.72
CA THR D 147 -26.52 -22.70 14.93
C THR D 147 -25.04 -23.07 15.05
N TYR D 148 -24.35 -22.46 16.02
CA TYR D 148 -22.96 -22.81 16.25
C TYR D 148 -23.03 -24.19 16.92
N ARG D 149 -23.26 -25.24 16.14
CA ARG D 149 -23.35 -26.60 16.68
C ARG D 149 -22.90 -27.65 15.67
N CYS D 150 -22.81 -28.91 16.08
CA CYS D 150 -22.40 -29.99 15.17
C CYS D 150 -23.58 -30.62 14.42
N PHE D 151 -23.28 -31.32 13.32
CA PHE D 151 -24.30 -31.97 12.49
C PHE D 151 -23.63 -33.25 11.98
N SER D 152 -24.41 -34.18 11.41
CA SER D 152 -23.85 -35.45 10.94
C SER D 152 -22.62 -35.27 10.06
N GLN D 153 -22.45 -34.06 9.53
CA GLN D 153 -21.32 -33.72 8.66
C GLN D 153 -20.60 -32.43 9.12
N PRO D 154 -19.26 -32.41 9.09
CA PRO D 154 -18.58 -31.19 9.51
C PRO D 154 -19.29 -29.95 8.96
N ARG D 155 -19.47 -28.96 9.80
CA ARG D 155 -20.20 -27.74 9.46
C ARG D 155 -19.34 -26.52 9.11
N HIS D 156 -19.72 -25.82 8.04
CA HIS D 156 -19.04 -24.58 7.64
C HIS D 156 -20.08 -23.53 7.90
N ILE D 157 -19.77 -22.61 8.81
CA ILE D 157 -20.69 -21.57 9.25
C ILE D 157 -20.58 -20.22 8.60
N SER D 158 -19.37 -19.71 8.44
CA SER D 158 -19.18 -18.41 7.80
C SER D 158 -19.30 -18.65 6.29
N VAL D 159 -20.50 -19.02 5.86
CA VAL D 159 -20.78 -19.34 4.47
C VAL D 159 -20.85 -18.16 3.51
N ALA D 160 -21.31 -17.02 3.99
CA ALA D 160 -21.43 -15.86 3.11
C ALA D 160 -20.90 -14.57 3.70
N MET D 161 -19.60 -14.50 3.96
CA MET D 161 -18.99 -13.30 4.51
C MET D 161 -19.16 -12.12 3.56
N ASP D 162 -19.18 -10.92 4.10
CA ASP D 162 -19.35 -9.73 3.27
C ASP D 162 -18.10 -9.43 2.46
N LYS D 163 -16.95 -9.85 2.97
CA LYS D 163 -15.69 -9.64 2.27
C LYS D 163 -15.80 -10.21 0.87
N PHE D 164 -16.56 -11.30 0.75
CA PHE D 164 -16.73 -11.98 -0.52
C PHE D 164 -18.10 -11.73 -1.14
N GLY D 165 -18.64 -10.54 -0.91
CA GLY D 165 -19.93 -10.19 -1.49
C GLY D 165 -21.03 -11.13 -1.05
N PHE D 166 -21.16 -11.29 0.26
CA PHE D 166 -22.17 -12.16 0.83
C PHE D 166 -22.37 -13.42 0.03
N SER D 167 -21.27 -14.13 -0.21
CA SER D 167 -21.32 -15.38 -0.96
C SER D 167 -20.04 -16.15 -0.74
N LEU D 168 -20.14 -17.46 -0.88
CA LEU D 168 -19.00 -18.34 -0.72
C LEU D 168 -17.87 -17.95 -1.70
N PRO D 169 -16.65 -17.73 -1.19
CA PRO D 169 -15.56 -17.36 -2.10
C PRO D 169 -15.32 -18.54 -3.06
N TYR D 170 -15.51 -19.74 -2.54
CA TYR D 170 -15.35 -20.98 -3.29
C TYR D 170 -15.98 -22.13 -2.50
N VAL D 171 -16.63 -23.02 -3.23
CA VAL D 171 -17.34 -24.13 -2.65
C VAL D 171 -16.51 -25.06 -1.77
N GLN D 172 -15.20 -25.08 -1.97
CA GLN D 172 -14.35 -25.94 -1.16
C GLN D 172 -13.80 -25.20 0.07
N TYR D 173 -14.38 -24.04 0.35
CA TYR D 173 -13.95 -23.20 1.46
C TYR D 173 -14.54 -23.66 2.79
N PHE D 174 -13.65 -23.85 3.77
CA PHE D 174 -14.05 -24.30 5.11
C PHE D 174 -13.34 -23.41 6.15
N GLY D 175 -13.20 -22.12 5.82
CA GLY D 175 -12.51 -21.20 6.71
C GLY D 175 -13.39 -20.21 7.45
N GLY D 176 -12.77 -19.44 8.33
CA GLY D 176 -13.52 -18.46 9.11
C GLY D 176 -14.16 -19.10 10.33
N VAL D 177 -15.37 -19.61 10.15
CA VAL D 177 -16.09 -20.23 11.24
C VAL D 177 -16.64 -21.57 10.77
N SER D 178 -16.31 -22.64 11.51
CA SER D 178 -16.75 -24.00 11.19
C SER D 178 -16.97 -24.84 12.47
N ALA D 179 -17.39 -26.10 12.32
CA ALA D 179 -17.64 -26.96 13.49
C ALA D 179 -17.40 -28.44 13.28
N LEU D 180 -16.87 -29.11 14.30
CA LEU D 180 -16.62 -30.54 14.24
C LEU D 180 -16.87 -31.25 15.57
N SER D 181 -17.66 -32.32 15.51
CA SER D 181 -17.99 -33.11 16.69
C SER D 181 -16.73 -33.74 17.19
N LYS D 182 -16.68 -34.04 18.48
CA LYS D 182 -15.49 -34.69 19.02
C LYS D 182 -15.21 -35.92 18.16
N GLN D 183 -16.27 -36.51 17.61
CA GLN D 183 -16.09 -37.70 16.78
C GLN D 183 -15.42 -37.41 15.44
N GLN D 184 -15.97 -36.46 14.70
CA GLN D 184 -15.41 -36.10 13.40
C GLN D 184 -13.98 -35.59 13.56
N PHE D 185 -13.83 -34.58 14.44
CA PHE D 185 -12.53 -34.00 14.70
C PHE D 185 -11.51 -35.08 14.97
N LEU D 186 -11.94 -36.09 15.70
CA LEU D 186 -11.05 -37.18 16.05
C LEU D 186 -10.78 -38.10 14.85
N SER D 187 -11.70 -38.10 13.89
CA SER D 187 -11.58 -38.93 12.69
C SER D 187 -10.41 -38.56 11.78
N ILE D 188 -10.28 -37.26 11.49
CA ILE D 188 -9.22 -36.74 10.63
C ILE D 188 -7.91 -36.48 11.36
N ASN D 189 -7.84 -36.91 12.61
CA ASN D 189 -6.65 -36.74 13.45
C ASN D 189 -6.50 -35.26 13.76
N GLY D 190 -7.63 -34.60 13.96
CA GLY D 190 -7.60 -33.18 14.25
C GLY D 190 -7.04 -32.42 13.05
N PHE D 191 -6.48 -31.26 13.34
CA PHE D 191 -5.90 -30.39 12.31
C PHE D 191 -4.39 -30.47 12.23
N PRO D 192 -3.81 -29.98 11.12
CA PRO D 192 -2.35 -30.01 10.99
C PRO D 192 -1.77 -28.97 11.95
N ASN D 193 -0.53 -29.22 12.37
CA ASN D 193 0.18 -28.33 13.26
C ASN D 193 1.31 -27.72 12.45
N ASN D 194 1.52 -28.24 11.24
CA ASN D 194 2.63 -27.76 10.40
C ASN D 194 2.43 -26.58 9.46
N TYR D 195 1.28 -25.90 9.56
CA TYR D 195 1.05 -24.73 8.71
C TYR D 195 1.39 -23.44 9.48
N TRP D 196 2.51 -22.81 9.14
CA TRP D 196 2.90 -21.57 9.79
C TRP D 196 2.82 -20.41 8.82
N GLY D 197 2.07 -19.37 9.21
CA GLY D 197 1.88 -18.23 8.33
C GLY D 197 0.48 -18.31 7.71
N TRP D 198 0.02 -17.22 7.10
CA TRP D 198 -1.31 -17.16 6.51
C TRP D 198 -1.59 -18.12 5.34
N GLY D 199 -2.83 -18.57 5.26
CA GLY D 199 -3.23 -19.42 4.13
C GLY D 199 -3.04 -20.93 4.11
N GLY D 200 -3.96 -21.63 3.45
CA GLY D 200 -3.86 -23.06 3.31
C GLY D 200 -4.27 -24.07 4.40
N GLU D 201 -4.15 -23.72 5.69
CA GLU D 201 -4.49 -24.66 6.75
C GLU D 201 -5.93 -25.15 6.69
N ASP D 202 -6.85 -24.24 6.33
CA ASP D 202 -8.26 -24.59 6.21
C ASP D 202 -8.55 -25.50 5.02
N ASP D 203 -7.81 -25.33 3.93
CA ASP D 203 -8.06 -26.17 2.77
C ASP D 203 -7.49 -27.57 3.07
N ASP D 204 -6.56 -27.62 4.01
CA ASP D 204 -6.01 -28.89 4.39
C ASP D 204 -7.06 -29.58 5.25
N ILE D 205 -7.62 -28.85 6.22
CA ILE D 205 -8.65 -29.44 7.07
C ILE D 205 -9.71 -29.96 6.10
N TYR D 206 -10.16 -29.08 5.19
CA TYR D 206 -11.14 -29.46 4.17
C TYR D 206 -10.80 -30.79 3.50
N ASN D 207 -9.56 -30.93 3.05
CA ASN D 207 -9.15 -32.18 2.41
C ASN D 207 -9.22 -33.34 3.41
N ARG D 208 -9.08 -33.07 4.70
CA ARG D 208 -9.16 -34.17 5.66
C ARG D 208 -10.56 -34.76 5.71
N LEU D 209 -11.56 -33.93 6.02
CA LEU D 209 -12.91 -34.45 6.12
C LEU D 209 -13.41 -35.07 4.82
N ALA D 210 -12.64 -34.93 3.75
CA ALA D 210 -13.03 -35.51 2.47
C ALA D 210 -12.38 -36.88 2.36
N PHE D 211 -11.15 -37.00 2.86
CA PHE D 211 -10.46 -38.28 2.79
C PHE D 211 -11.04 -39.27 3.79
N ARG D 212 -12.13 -38.86 4.45
CA ARG D 212 -12.78 -39.71 5.43
C ARG D 212 -14.30 -39.69 5.25
N GLY D 213 -14.74 -39.88 4.01
CA GLY D 213 -16.16 -39.92 3.71
C GLY D 213 -17.04 -38.76 4.13
N MET D 214 -16.61 -37.99 5.12
CA MET D 214 -17.42 -36.86 5.54
C MET D 214 -17.48 -35.89 4.39
N SER D 215 -18.47 -35.01 4.43
CA SER D 215 -18.68 -34.01 3.41
C SER D 215 -19.07 -32.76 4.15
N VAL D 216 -18.84 -31.60 3.55
CA VAL D 216 -19.21 -30.38 4.23
C VAL D 216 -20.71 -30.19 4.25
N SER D 217 -21.19 -29.68 5.38
CA SER D 217 -22.59 -29.37 5.58
C SER D 217 -22.57 -27.89 5.92
N ARG D 218 -23.38 -27.11 5.24
CA ARG D 218 -23.42 -25.67 5.51
C ARG D 218 -24.86 -25.28 5.63
N PRO D 219 -25.15 -24.10 6.18
CA PRO D 219 -26.56 -23.76 6.25
C PRO D 219 -26.70 -23.26 4.83
N ASN D 220 -27.90 -22.85 4.39
CA ASN D 220 -27.93 -22.31 3.04
C ASN D 220 -27.26 -20.93 3.16
N ALA D 221 -27.19 -20.22 2.03
CA ALA D 221 -26.52 -18.92 1.94
C ALA D 221 -27.22 -17.68 2.45
N VAL D 222 -28.34 -17.82 3.15
CA VAL D 222 -29.01 -16.62 3.66
C VAL D 222 -28.89 -16.71 5.15
N ILE D 223 -29.06 -17.93 5.64
CA ILE D 223 -28.97 -18.22 7.06
C ILE D 223 -27.50 -18.25 7.47
N GLY D 224 -26.60 -18.41 6.51
CA GLY D 224 -25.17 -18.45 6.81
C GLY D 224 -24.34 -17.20 6.49
N LYS D 225 -24.97 -16.03 6.43
CA LYS D 225 -24.22 -14.80 6.17
C LYS D 225 -23.53 -14.33 7.45
N CYS D 226 -22.34 -13.75 7.28
CA CYS D 226 -21.54 -13.23 8.39
C CYS D 226 -20.86 -11.94 7.95
N ARG D 227 -20.14 -11.31 8.88
CA ARG D 227 -19.38 -10.09 8.58
C ARG D 227 -17.97 -10.22 9.16
N MET D 228 -16.99 -9.58 8.52
CA MET D 228 -15.60 -9.64 8.98
C MET D 228 -15.11 -8.25 9.26
N ILE D 229 -14.38 -8.09 10.36
CA ILE D 229 -13.82 -6.79 10.72
C ILE D 229 -12.54 -6.72 9.92
N ARG D 230 -12.43 -5.71 9.06
CA ARG D 230 -11.22 -5.59 8.25
C ARG D 230 -10.11 -4.90 9.04
N HIS D 231 -8.89 -5.34 8.80
CA HIS D 231 -7.71 -4.86 9.49
C HIS D 231 -6.53 -5.01 8.56
N SER D 232 -5.48 -4.25 8.79
CA SER D 232 -4.31 -4.35 7.95
C SER D 232 -3.61 -5.67 8.27
N ARG D 233 -2.99 -6.28 7.26
CA ARG D 233 -2.30 -7.56 7.41
C ARG D 233 -1.30 -7.54 8.56
N ASP D 234 -1.29 -8.62 9.32
CA ASP D 234 -0.39 -8.76 10.46
C ASP D 234 1.00 -9.14 9.97
N LYS D 235 2.01 -8.44 10.48
CA LYS D 235 3.39 -8.72 10.10
C LYS D 235 3.84 -10.11 10.59
N LYS D 236 3.21 -10.60 11.66
CA LYS D 236 3.54 -11.91 12.21
C LYS D 236 2.72 -13.02 11.57
N ASN D 237 2.09 -12.71 10.44
CA ASN D 237 1.29 -13.71 9.73
C ASN D 237 1.30 -13.50 8.24
N GLU D 238 2.49 -13.53 7.65
CA GLU D 238 2.61 -13.34 6.21
C GLU D 238 2.17 -14.62 5.51
N PRO D 239 1.78 -14.52 4.24
CA PRO D 239 1.34 -15.70 3.49
C PRO D 239 2.39 -16.81 3.54
N ASN D 240 1.96 -18.04 3.80
CA ASN D 240 2.88 -19.17 3.91
C ASN D 240 3.31 -19.68 2.54
N PRO D 241 4.55 -19.39 2.15
CA PRO D 241 5.08 -19.82 0.86
C PRO D 241 4.92 -21.30 0.63
N GLN D 242 5.02 -22.10 1.70
CA GLN D 242 4.88 -23.56 1.56
C GLN D 242 3.46 -24.07 1.38
N ARG D 243 2.49 -23.22 1.66
CA ARG D 243 1.09 -23.62 1.57
C ARG D 243 0.60 -24.31 0.28
N PHE D 244 1.16 -23.95 -0.87
CA PHE D 244 0.70 -24.57 -2.10
C PHE D 244 1.06 -26.05 -2.20
N ASP D 245 2.21 -26.43 -1.67
CA ASP D 245 2.56 -27.83 -1.75
C ASP D 245 1.95 -28.67 -0.67
N ARG D 246 1.85 -28.08 0.51
CA ARG D 246 1.29 -28.78 1.64
C ARG D 246 -0.18 -29.20 1.46
N ILE D 247 -1.04 -28.31 0.94
CA ILE D 247 -2.45 -28.69 0.77
C ILE D 247 -2.65 -29.80 -0.26
N ALA D 248 -1.56 -30.25 -0.88
CA ALA D 248 -1.66 -31.30 -1.88
C ALA D 248 -1.23 -32.69 -1.37
N HIS D 249 -0.53 -32.72 -0.25
CA HIS D 249 -0.06 -33.98 0.30
C HIS D 249 -0.79 -34.27 1.60
N THR D 250 -1.99 -33.72 1.71
CA THR D 250 -2.77 -33.91 2.91
C THR D 250 -2.98 -35.39 3.24
N LYS D 251 -3.52 -36.12 2.27
CA LYS D 251 -3.81 -37.55 2.40
C LYS D 251 -2.72 -38.27 3.20
N GLU D 252 -1.47 -38.05 2.82
CA GLU D 252 -0.35 -38.70 3.49
C GLU D 252 0.14 -37.96 4.74
N THR D 253 0.05 -36.63 4.78
CA THR D 253 0.52 -35.91 5.96
C THR D 253 -0.43 -35.88 7.14
N MET D 254 -1.74 -36.03 6.90
CA MET D 254 -2.70 -36.02 7.99
C MET D 254 -2.49 -37.23 8.91
N LEU D 255 -1.58 -38.12 8.54
CA LEU D 255 -1.30 -39.29 9.36
C LEU D 255 -0.21 -38.95 10.35
N SER D 256 0.77 -38.19 9.89
CA SER D 256 1.87 -37.80 10.74
C SER D 256 1.73 -36.42 11.40
N ASP D 257 0.67 -35.68 11.05
CA ASP D 257 0.48 -34.35 11.60
C ASP D 257 -0.94 -34.02 12.02
N GLY D 258 -1.16 -34.01 13.33
CA GLY D 258 -2.47 -33.72 13.89
C GLY D 258 -2.39 -34.00 15.39
N LEU D 259 -3.51 -34.41 16.00
CA LEU D 259 -3.48 -34.72 17.43
C LEU D 259 -2.28 -35.57 17.86
N ASN D 260 -2.11 -36.73 17.22
CA ASN D 260 -1.01 -37.62 17.58
C ASN D 260 0.38 -37.03 17.35
N SER D 261 0.47 -35.72 17.25
CA SER D 261 1.76 -35.07 17.05
C SER D 261 1.77 -33.73 17.76
N LEU D 262 0.61 -33.30 18.24
CA LEU D 262 0.51 -32.03 18.94
C LEU D 262 1.42 -31.98 20.17
N THR D 263 2.06 -30.83 20.38
CA THR D 263 2.94 -30.63 21.54
C THR D 263 2.97 -29.14 21.88
N TYR D 264 2.89 -28.82 23.16
CA TYR D 264 2.89 -27.42 23.57
C TYR D 264 2.96 -27.24 25.09
N MET D 265 3.29 -26.03 25.51
CA MET D 265 3.39 -25.71 26.92
C MET D 265 2.44 -24.56 27.21
N VAL D 266 1.63 -24.73 28.24
CA VAL D 266 0.69 -23.68 28.63
C VAL D 266 1.47 -22.77 29.55
N LEU D 267 1.69 -21.53 29.11
CA LEU D 267 2.44 -20.56 29.90
C LEU D 267 1.56 -19.87 30.93
N GLU D 268 0.26 -19.84 30.67
CA GLU D 268 -0.68 -19.20 31.58
C GLU D 268 -2.13 -19.45 31.18
N VAL D 269 -3.00 -19.53 32.19
CA VAL D 269 -4.43 -19.75 31.98
C VAL D 269 -5.17 -18.64 32.70
N GLN D 270 -5.87 -17.78 31.94
CA GLN D 270 -6.61 -16.70 32.55
C GLN D 270 -8.10 -16.88 32.39
N ARG D 271 -8.82 -16.80 33.51
CA ARG D 271 -10.26 -16.95 33.51
C ARG D 271 -10.85 -15.58 33.76
N TYR D 272 -11.44 -14.98 32.73
CA TYR D 272 -12.09 -13.69 32.85
C TYR D 272 -13.59 -13.97 32.91
N PRO D 273 -14.41 -12.96 33.23
CA PRO D 273 -15.85 -13.20 33.28
C PRO D 273 -16.39 -13.69 31.92
N LEU D 274 -16.15 -12.91 30.86
CA LEU D 274 -16.66 -13.27 29.53
C LEU D 274 -15.95 -14.34 28.74
N TYR D 275 -14.76 -14.74 29.18
CA TYR D 275 -14.02 -15.77 28.44
C TYR D 275 -12.76 -16.28 29.13
N THR D 276 -12.34 -17.47 28.73
CA THR D 276 -11.13 -18.10 29.25
C THR D 276 -10.01 -17.89 28.21
N LYS D 277 -8.85 -17.41 28.66
CA LYS D 277 -7.71 -17.16 27.76
C LYS D 277 -6.49 -18.01 28.16
N ILE D 278 -6.13 -18.96 27.30
CA ILE D 278 -5.01 -19.88 27.51
C ILE D 278 -3.79 -19.45 26.68
N THR D 279 -2.79 -18.88 27.34
CA THR D 279 -1.61 -18.44 26.62
C THR D 279 -0.62 -19.56 26.40
N VAL D 280 -0.39 -19.95 25.15
CA VAL D 280 0.55 -21.04 24.89
C VAL D 280 1.81 -20.75 24.10
N ASP D 281 2.74 -21.70 24.21
CA ASP D 281 4.01 -21.68 23.51
C ASP D 281 3.90 -22.92 22.63
N ILE D 282 3.67 -22.70 21.33
CA ILE D 282 3.52 -23.79 20.36
C ILE D 282 4.80 -24.13 19.59
N GLY D 283 5.91 -23.55 20.01
CA GLY D 283 7.18 -23.82 19.38
C GLY D 283 7.47 -22.96 18.17
N THR D 284 8.37 -23.46 17.34
CA THR D 284 8.76 -22.76 16.12
C THR D 284 8.66 -23.67 14.90
N PRO D 285 8.60 -23.06 13.71
CA PRO D 285 8.50 -23.77 12.42
C PRO D 285 9.59 -24.82 12.23
N SER D 286 9.29 -25.79 11.36
CA SER D 286 10.18 -26.90 11.03
C SER D 286 9.36 -28.08 10.50
CA CA E . -6.97 22.37 -29.63
C1 BGN F . 10.21 17.72 -14.98
C2 BGN F . 10.94 18.98 -14.46
C3 BGN F . 11.26 18.76 -12.98
C4 BGN F . 9.98 18.52 -12.21
C5 BGN F . 9.22 17.31 -12.80
C6 BGN F . 7.84 17.11 -12.20
C7 BGN F . 12.18 20.23 -16.17
C8 BGN F . 13.52 20.43 -16.86
C9 BGN F . 13.82 19.16 -17.66
C10 BGN F . 13.08 19.23 -18.98
N2 BGN F . 12.17 19.25 -15.22
O1 BGN F . 9.88 17.89 -16.33
O3 BGN F . 11.94 19.92 -12.44
O4 BGN F . 10.27 18.20 -10.85
O5 BGN F . 9.03 17.50 -14.21
O6 BGN F . 7.02 18.28 -12.43
O7 BGN F . 11.21 20.91 -16.46
CA CA G . -1.11 -1.89 -13.73
C1 BGN H . -7.85 -19.04 0.22
C2 BGN H . -6.79 -19.40 1.26
C3 BGN H . -7.48 -19.79 2.54
C4 BGN H . -8.40 -18.68 3.01
C5 BGN H . -9.38 -18.26 1.86
C6 BGN H . -10.14 -16.99 2.15
C7 BGN H . -4.72 -20.53 0.40
C8 BGN H . -4.18 -21.91 0.02
C9 BGN H . -3.48 -21.85 -1.37
C10 BGN H . -4.60 -21.82 -2.44
N2 BGN H . -6.00 -20.59 0.80
O1 BGN H . -7.19 -18.65 -0.93
O3 BGN H . -6.46 -20.09 3.52
O4 BGN H . -9.16 -19.13 4.13
O5 BGN H . -8.62 -17.97 0.65
O6 BGN H . -9.23 -15.89 2.33
O7 BGN H . -4.05 -19.52 0.35
#